data_6H3T
#
_entry.id   6H3T
#
_cell.length_a   262.789
_cell.length_b   44.397
_cell.length_c   93.593
_cell.angle_alpha   90.000
_cell.angle_beta   91.810
_cell.angle_gamma   90.000
#
_symmetry.space_group_name_H-M   'C 1 2 1'
#
loop_
_entity.id
_entity.type
_entity.pdbx_description
1 polymer 'scFv 1C11 VH'
2 polymer 'scFv 1C11 VL'
3 polymer 'Envelopment polyprotein'
4 branched alpha-D-mannopyranose-(1-3)-[alpha-D-mannopyranose-(1-6)]alpha-D-mannopyranose-(1-6)-[alpha-D-mannopyranose-(1-3)]beta-D-mannopyranose-(1-4)-2-acetamido-2-deoxy-beta-D-glucopyranose-(1-4)-2-acetamido-2-deoxy-beta-D-glucopyranose
5 branched 2-acetamido-2-deoxy-beta-D-glucopyranose-(1-4)-[alpha-L-fucopyranose-(1-6)]2-acetamido-2-deoxy-beta-D-glucopyranose
#
loop_
_entity_poly.entity_id
_entity_poly.type
_entity_poly.pdbx_seq_one_letter_code
_entity_poly.pdbx_strand_id
1 'polypeptide(L)'
;EVQLQQSGPELVKPGASVKVSCKASGYSFTDYNMCWVKQSHGKSLEWIGYIDPYNGLTSYNPKFKGKATLTVDKSSSTAF
MHLNSLTSEDSAVYYCARNYYGRSYAMDYWGQGTSVTVSSGGGGSGGGGSGGGGSGGGGG
;
H,I
2 'polypeptide(L)'
;DIVMTQAASSLAVSVGEKVTMSCKSSQSLLYSSNQKNYLAWYQQKPGQSPKLLIYWASTRESGVPDRFTGSGSGTDFTLT
ISSVKAEDLAVYYCQQYYSFPPTFGGGTKLEIKGGWSHPQFEK
;
L,M
3 'polypeptide(L)'
;QETSINCKNIQSTQLTIEHLSKCMAFYQNKTSSPVVINEIISDASVDEQELIKSLNLNCNVIDRFISESSVIETQVYYEY
IKSQLCPLQVHDIFTINSASNIQWKALARSFTLGVCNTNPHKHICRCLESMQMCTSTKTDHAREMSIYYDGHPDRFEHDM
KIILNIMRYIVPGLGRVLLDQIKQTKDYQALRHIQGKLSPKSQSNLQLKGFLEFVDFILGANVTIEKTPQTLTTLSLIGG
WSHPQFEK
;
A,B
#
loop_
_chem_comp.id
_chem_comp.type
_chem_comp.name
_chem_comp.formula
BMA D-saccharide, beta linking beta-D-mannopyranose 'C6 H12 O6'
FUC L-saccharide, alpha linking alpha-L-fucopyranose 'C6 H12 O5'
MAN D-saccharide, alpha linking alpha-D-mannopyranose 'C6 H12 O6'
NAG D-saccharide, beta linking 2-acetamido-2-deoxy-beta-D-glucopyranose 'C8 H15 N O6'
#
# COMPACT_ATOMS: atom_id res chain seq x y z
N GLU A 1 -3.06 -24.64 -42.72
CA GLU A 1 -2.84 -23.66 -41.66
C GLU A 1 -4.07 -22.78 -41.48
N VAL A 2 -3.86 -21.47 -41.54
CA VAL A 2 -4.94 -20.49 -41.53
C VAL A 2 -5.16 -19.97 -42.95
N GLN A 3 -6.41 -19.96 -43.40
CA GLN A 3 -6.73 -19.63 -44.78
C GLN A 3 -7.96 -18.74 -44.82
N LEU A 4 -7.93 -17.74 -45.70
CA LEU A 4 -9.08 -16.87 -45.97
C LEU A 4 -9.32 -16.86 -47.47
N GLN A 5 -10.42 -17.48 -47.92
CA GLN A 5 -10.75 -17.53 -49.33
C GLN A 5 -11.84 -16.52 -49.64
N GLN A 6 -11.69 -15.80 -50.74
CA GLN A 6 -12.64 -14.77 -51.12
C GLN A 6 -13.36 -15.15 -52.42
N SER A 7 -14.50 -14.51 -52.65
CA SER A 7 -15.29 -14.78 -53.85
C SER A 7 -14.55 -14.34 -55.10
N GLY A 8 -15.00 -14.87 -56.24
CA GLY A 8 -14.42 -14.57 -57.53
C GLY A 8 -14.60 -13.13 -57.94
N PRO A 9 -13.98 -12.73 -59.04
CA PRO A 9 -14.04 -11.34 -59.48
C PRO A 9 -15.47 -10.91 -59.79
N GLU A 10 -15.68 -9.60 -59.77
CA GLU A 10 -17.00 -9.01 -59.99
C GLU A 10 -16.91 -7.86 -60.96
N LEU A 11 -17.70 -7.92 -62.03
CA LEU A 11 -17.93 -6.78 -62.90
C LEU A 11 -19.37 -6.31 -62.70
N VAL A 12 -19.53 -5.07 -62.25
CA VAL A 12 -20.83 -4.50 -61.93
C VAL A 12 -20.95 -3.16 -62.62
N LYS A 13 -22.10 -2.92 -63.26
CA LYS A 13 -22.34 -1.62 -63.85
C LYS A 13 -22.67 -0.60 -62.75
N PRO A 14 -22.35 0.67 -62.97
CA PRO A 14 -22.49 1.66 -61.89
C PRO A 14 -23.95 1.82 -61.48
N GLY A 15 -24.18 1.83 -60.16
CA GLY A 15 -25.51 1.94 -59.59
C GLY A 15 -26.03 0.66 -58.96
N ALA A 16 -25.38 -0.48 -59.19
CA ALA A 16 -25.79 -1.73 -58.58
C ALA A 16 -24.94 -2.05 -57.36
N SER A 17 -25.25 -3.17 -56.70
CA SER A 17 -24.61 -3.55 -55.45
C SER A 17 -23.94 -4.92 -55.61
N VAL A 18 -22.82 -5.10 -54.90
CA VAL A 18 -22.04 -6.33 -54.96
C VAL A 18 -21.69 -6.78 -53.54
N LYS A 19 -21.64 -8.10 -53.35
CA LYS A 19 -21.39 -8.69 -52.03
C LYS A 19 -20.24 -9.69 -52.14
N VAL A 20 -19.23 -9.53 -51.30
CA VAL A 20 -18.01 -10.33 -51.33
C VAL A 20 -17.96 -11.21 -50.08
N SER A 21 -17.55 -12.47 -50.26
CA SER A 21 -17.49 -13.46 -49.20
C SER A 21 -16.05 -13.77 -48.80
N CYS A 22 -15.87 -14.07 -47.51
CA CYS A 22 -14.56 -14.35 -46.94
C CYS A 22 -14.69 -15.56 -46.01
N LYS A 23 -14.23 -16.73 -46.48
CA LYS A 23 -14.33 -17.97 -45.73
C LYS A 23 -13.06 -18.19 -44.93
N ALA A 24 -13.23 -18.41 -43.63
CA ALA A 24 -12.13 -18.53 -42.68
C ALA A 24 -11.93 -19.99 -42.27
N SER A 25 -10.67 -20.40 -42.22
CA SER A 25 -10.33 -21.75 -41.81
C SER A 25 -9.02 -21.75 -41.05
N GLY A 26 -8.86 -22.72 -40.15
CA GLY A 26 -7.64 -22.87 -39.39
C GLY A 26 -7.61 -22.19 -38.04
N TYR A 27 -8.64 -21.41 -37.71
CA TYR A 27 -8.71 -20.74 -36.41
C TYR A 27 -10.16 -20.67 -35.98
N SER A 28 -10.38 -20.09 -34.80
CA SER A 28 -11.72 -19.88 -34.27
C SER A 28 -12.21 -18.52 -34.77
N PHE A 29 -13.24 -18.55 -35.61
CA PHE A 29 -13.65 -17.36 -36.35
C PHE A 29 -14.08 -16.21 -35.45
N THR A 30 -14.64 -16.51 -34.27
CA THR A 30 -15.18 -15.48 -33.40
C THR A 30 -14.14 -14.87 -32.47
N ASP A 31 -12.93 -15.42 -32.41
CA ASP A 31 -11.90 -14.87 -31.53
C ASP A 31 -11.18 -13.68 -32.18
N TYR A 32 -11.07 -13.70 -33.51
CA TYR A 32 -10.44 -12.63 -34.27
C TYR A 32 -11.51 -11.90 -35.07
N ASN A 33 -11.39 -10.59 -35.18
CA ASN A 33 -12.38 -9.89 -35.98
C ASN A 33 -11.86 -9.70 -37.41
N MET A 34 -12.79 -9.31 -38.29
CA MET A 34 -12.52 -9.24 -39.72
C MET A 34 -12.36 -7.80 -40.17
N CYS A 35 -11.27 -7.53 -40.88
CA CYS A 35 -10.97 -6.21 -41.40
C CYS A 35 -11.07 -6.24 -42.92
N TRP A 36 -11.55 -5.14 -43.50
CA TRP A 36 -11.69 -5.03 -44.94
C TRP A 36 -10.90 -3.83 -45.43
N VAL A 37 -10.18 -4.00 -46.53
CA VAL A 37 -9.22 -3.02 -47.02
C VAL A 37 -9.47 -2.79 -48.50
N LYS A 38 -9.70 -1.54 -48.89
CA LYS A 38 -9.84 -1.19 -50.30
C LYS A 38 -8.47 -0.77 -50.82
N GLN A 39 -7.97 -1.49 -51.82
CA GLN A 39 -6.74 -1.14 -52.51
C GLN A 39 -7.11 -0.77 -53.94
N SER A 40 -6.95 0.50 -54.29
CA SER A 40 -7.17 0.90 -55.67
C SER A 40 -6.08 0.29 -56.54
N HIS A 41 -6.19 0.50 -57.86
CA HIS A 41 -5.16 -0.03 -58.74
C HIS A 41 -3.81 0.64 -58.47
N GLY A 42 -3.83 1.86 -57.95
CA GLY A 42 -2.64 2.49 -57.45
C GLY A 42 -2.12 1.77 -56.22
N LYS A 43 -0.99 2.28 -55.71
CA LYS A 43 -0.37 1.67 -54.54
C LYS A 43 -1.19 1.91 -53.26
N SER A 44 -2.22 2.75 -53.32
CA SER A 44 -2.92 3.19 -52.11
C SER A 44 -3.63 2.03 -51.42
N LEU A 45 -3.46 1.94 -50.10
CA LEU A 45 -4.20 1.01 -49.25
C LEU A 45 -5.10 1.81 -48.31
N GLU A 46 -6.37 1.42 -48.25
CA GLU A 46 -7.36 2.15 -47.47
C GLU A 46 -8.09 1.19 -46.53
N TRP A 47 -8.16 1.58 -45.26
CA TRP A 47 -8.84 0.77 -44.25
C TRP A 47 -10.33 1.10 -44.27
N ILE A 48 -11.16 0.11 -44.61
CA ILE A 48 -12.60 0.33 -44.69
C ILE A 48 -13.24 0.22 -43.32
N GLY A 49 -13.06 -0.91 -42.66
CA GLY A 49 -13.64 -1.11 -41.34
C GLY A 49 -13.38 -2.52 -40.87
N TYR A 50 -13.89 -2.81 -39.68
CA TYR A 50 -13.77 -4.14 -39.10
C TYR A 50 -15.08 -4.50 -38.39
N ILE A 51 -15.24 -5.80 -38.18
CA ILE A 51 -16.44 -6.35 -37.57
C ILE A 51 -16.05 -7.49 -36.65
N ASP A 52 -16.51 -7.43 -35.40
CA ASP A 52 -16.34 -8.49 -34.41
C ASP A 52 -17.38 -9.56 -34.68
N PRO A 53 -16.97 -10.77 -35.09
CA PRO A 53 -17.95 -11.83 -35.38
C PRO A 53 -18.76 -12.23 -34.16
N TYR A 54 -18.18 -12.17 -32.96
CA TYR A 54 -18.94 -12.54 -31.76
C TYR A 54 -19.95 -11.46 -31.39
N ASN A 55 -19.53 -10.19 -31.42
CA ASN A 55 -20.46 -9.10 -31.11
C ASN A 55 -21.46 -8.87 -32.23
N GLY A 56 -21.06 -9.14 -33.47
CA GLY A 56 -21.77 -8.62 -34.61
C GLY A 56 -21.63 -7.14 -34.81
N LEU A 57 -21.08 -6.41 -33.84
CA LEU A 57 -20.93 -4.97 -33.94
C LEU A 57 -19.82 -4.62 -34.93
N THR A 58 -19.87 -3.40 -35.44
CA THR A 58 -18.99 -2.98 -36.52
C THR A 58 -18.37 -1.63 -36.20
N SER A 59 -17.30 -1.32 -36.93
CA SER A 59 -16.70 0.01 -36.87
C SER A 59 -16.14 0.32 -38.26
N TYR A 60 -16.60 1.42 -38.85
CA TYR A 60 -16.29 1.78 -40.23
C TYR A 60 -15.44 3.04 -40.28
N ASN A 61 -14.50 3.06 -41.22
CA ASN A 61 -13.85 4.31 -41.58
C ASN A 61 -14.93 5.32 -41.98
N PRO A 62 -14.88 6.55 -41.46
CA PRO A 62 -15.85 7.57 -41.91
C PRO A 62 -15.97 7.69 -43.41
N LYS A 63 -14.91 7.38 -44.16
CA LYS A 63 -14.97 7.48 -45.62
C LYS A 63 -15.96 6.49 -46.21
N PHE A 64 -15.98 5.26 -45.70
CA PHE A 64 -16.76 4.18 -46.32
C PHE A 64 -18.03 3.85 -45.54
N LYS A 65 -18.46 4.72 -44.62
CA LYS A 65 -19.62 4.41 -43.80
C LYS A 65 -20.87 4.23 -44.66
N GLY A 66 -21.01 5.03 -45.71
CA GLY A 66 -22.16 4.90 -46.57
C GLY A 66 -22.01 3.79 -47.60
N LYS A 67 -20.79 3.60 -48.10
CA LYS A 67 -20.58 2.69 -49.23
C LYS A 67 -20.60 1.22 -48.81
N ALA A 68 -20.10 0.89 -47.61
CA ALA A 68 -19.87 -0.49 -47.25
C ALA A 68 -20.73 -0.91 -46.06
N THR A 69 -21.07 -2.20 -46.02
CA THR A 69 -21.83 -2.80 -44.93
C THR A 69 -21.30 -4.21 -44.69
N LEU A 70 -20.81 -4.48 -43.48
CA LEU A 70 -20.16 -5.75 -43.15
C LEU A 70 -21.09 -6.61 -42.30
N THR A 71 -21.20 -7.89 -42.66
CA THR A 71 -21.99 -8.86 -41.90
C THR A 71 -21.19 -10.15 -41.79
N VAL A 72 -21.69 -11.09 -41.00
CA VAL A 72 -21.02 -12.37 -40.80
C VAL A 72 -22.05 -13.46 -40.57
N ASP A 73 -21.72 -14.66 -41.03
CA ASP A 73 -22.43 -15.88 -40.67
C ASP A 73 -21.43 -16.75 -39.91
N LYS A 74 -21.69 -16.96 -38.62
CA LYS A 74 -20.76 -17.69 -37.78
C LYS A 74 -20.78 -19.18 -38.09
N SER A 75 -21.92 -19.70 -38.57
CA SER A 75 -22.04 -21.13 -38.83
C SER A 75 -21.02 -21.57 -39.87
N SER A 76 -21.07 -20.95 -41.05
CA SER A 76 -20.12 -21.28 -42.11
C SER A 76 -18.80 -20.55 -41.98
N SER A 77 -18.62 -19.77 -40.91
CA SER A 77 -17.40 -19.00 -40.67
C SER A 77 -17.08 -18.11 -41.87
N THR A 78 -18.03 -17.25 -42.22
CA THR A 78 -17.91 -16.42 -43.42
C THR A 78 -18.23 -14.97 -43.09
N ALA A 79 -17.46 -14.06 -43.70
CA ALA A 79 -17.64 -12.62 -43.51
C ALA A 79 -17.96 -11.97 -44.85
N PHE A 80 -18.99 -11.13 -44.88
CA PHE A 80 -19.51 -10.56 -46.11
C PHE A 80 -19.34 -9.05 -46.10
N MET A 81 -18.89 -8.51 -47.23
CA MET A 81 -18.79 -7.07 -47.44
C MET A 81 -19.74 -6.68 -48.56
N HIS A 82 -20.58 -5.68 -48.32
CA HIS A 82 -21.61 -5.29 -49.26
C HIS A 82 -21.40 -3.84 -49.67
N LEU A 83 -21.33 -3.61 -50.97
CA LEU A 83 -21.11 -2.28 -51.53
C LEU A 83 -22.32 -1.91 -52.39
N ASN A 84 -22.93 -0.77 -52.08
CA ASN A 84 -24.13 -0.30 -52.75
C ASN A 84 -23.87 1.03 -53.45
N SER A 85 -24.58 1.23 -54.57
CA SER A 85 -24.47 2.45 -55.37
C SER A 85 -23.03 2.65 -55.85
N LEU A 86 -22.49 1.63 -56.52
CA LEU A 86 -21.13 1.69 -57.01
C LEU A 86 -20.95 2.82 -58.02
N THR A 87 -19.76 3.42 -58.01
CA THR A 87 -19.42 4.53 -58.89
C THR A 87 -18.04 4.28 -59.48
N SER A 88 -17.46 5.32 -60.07
CA SER A 88 -16.14 5.19 -60.68
C SER A 88 -15.06 4.98 -59.64
N GLU A 89 -15.19 5.59 -58.46
CA GLU A 89 -14.18 5.45 -57.43
C GLU A 89 -14.11 4.01 -56.90
N ASP A 90 -15.26 3.34 -56.81
CA ASP A 90 -15.34 2.04 -56.15
C ASP A 90 -14.65 0.92 -56.93
N SER A 91 -14.14 1.18 -58.12
CA SER A 91 -13.38 0.17 -58.85
C SER A 91 -12.04 -0.04 -58.14
N ALA A 92 -11.86 -1.21 -57.54
CA ALA A 92 -10.64 -1.50 -56.78
C ALA A 92 -10.67 -2.96 -56.37
N VAL A 93 -9.54 -3.42 -55.81
CA VAL A 93 -9.41 -4.76 -55.26
C VAL A 93 -9.63 -4.69 -53.76
N TYR A 94 -10.43 -5.60 -53.23
CA TYR A 94 -10.84 -5.57 -51.83
C TYR A 94 -10.27 -6.78 -51.09
N TYR A 95 -9.60 -6.52 -49.98
CA TYR A 95 -8.91 -7.53 -49.19
C TYR A 95 -9.61 -7.75 -47.86
N CYS A 96 -9.53 -9.00 -47.39
CA CYS A 96 -10.13 -9.45 -46.14
C CYS A 96 -9.03 -9.99 -45.24
N ALA A 97 -8.82 -9.35 -44.10
CA ALA A 97 -7.67 -9.66 -43.27
C ALA A 97 -8.07 -9.86 -41.81
N ARG A 98 -7.46 -10.86 -41.17
CA ARG A 98 -7.73 -11.20 -39.78
C ARG A 98 -7.08 -10.19 -38.84
N ASN A 99 -7.71 -9.99 -37.67
CA ASN A 99 -7.13 -9.11 -36.66
C ASN A 99 -7.43 -9.63 -35.26
N TYR A 100 -6.45 -9.49 -34.36
CA TYR A 100 -6.59 -9.89 -32.97
C TYR A 100 -6.54 -8.67 -32.06
N TYR A 101 -7.46 -8.60 -31.09
CA TYR A 101 -7.55 -7.41 -30.26
C TYR A 101 -6.29 -7.20 -29.44
N GLY A 102 -5.57 -8.27 -29.12
CA GLY A 102 -4.38 -8.12 -28.29
C GLY A 102 -3.27 -7.39 -28.99
N ARG A 103 -3.22 -7.46 -30.31
CA ARG A 103 -2.28 -6.71 -31.13
C ARG A 103 -3.10 -5.77 -31.99
N SER A 104 -3.18 -4.51 -31.59
CA SER A 104 -4.16 -3.59 -32.14
C SER A 104 -4.09 -3.55 -33.65
N TYR A 105 -5.20 -3.93 -34.28
CA TYR A 105 -5.44 -3.71 -35.71
C TYR A 105 -4.24 -3.97 -36.62
N ALA A 106 -3.37 -4.90 -36.23
CA ALA A 106 -2.35 -5.42 -37.11
C ALA A 106 -2.87 -6.73 -37.68
N MET A 107 -2.73 -6.90 -38.99
CA MET A 107 -3.36 -8.01 -39.70
C MET A 107 -2.31 -9.03 -40.10
N ASP A 108 -2.44 -10.25 -39.57
CA ASP A 108 -1.45 -11.30 -39.79
C ASP A 108 -1.74 -12.17 -41.00
N TYR A 109 -3.00 -12.53 -41.22
CA TYR A 109 -3.38 -13.41 -42.33
C TYR A 109 -4.38 -12.71 -43.23
N TRP A 110 -4.03 -12.59 -44.51
CA TRP A 110 -4.83 -11.87 -45.49
C TRP A 110 -5.50 -12.83 -46.47
N GLY A 111 -6.69 -12.46 -46.92
CA GLY A 111 -7.39 -13.20 -47.94
C GLY A 111 -6.72 -13.04 -49.30
N GLN A 112 -7.32 -13.69 -50.29
CA GLN A 112 -6.76 -13.65 -51.65
C GLN A 112 -7.03 -12.31 -52.34
N GLY A 113 -8.09 -11.62 -51.97
CA GLY A 113 -8.47 -10.39 -52.64
C GLY A 113 -9.49 -10.62 -53.73
N THR A 114 -10.35 -9.62 -53.94
CA THR A 114 -11.40 -9.70 -54.94
C THR A 114 -11.44 -8.41 -55.74
N SER A 115 -11.29 -8.52 -57.06
CA SER A 115 -11.25 -7.35 -57.93
C SER A 115 -12.69 -6.96 -58.30
N VAL A 116 -13.13 -5.81 -57.82
CA VAL A 116 -14.44 -5.25 -58.14
C VAL A 116 -14.25 -4.14 -59.16
N THR A 117 -14.82 -4.32 -60.34
CA THR A 117 -14.65 -3.39 -61.45
C THR A 117 -15.97 -2.72 -61.76
N VAL A 118 -15.94 -1.39 -61.94
CA VAL A 118 -17.13 -0.64 -62.31
C VAL A 118 -16.91 0.06 -63.66
N ASP B 1 -7.28 12.95 -39.56
CA ASP B 1 -6.59 11.77 -39.05
C ASP B 1 -5.13 11.74 -39.49
N ILE B 2 -4.43 10.67 -39.13
CA ILE B 2 -2.99 10.57 -39.37
C ILE B 2 -2.72 10.24 -40.83
N VAL B 3 -1.65 10.82 -41.37
CA VAL B 3 -1.20 10.57 -42.73
C VAL B 3 0.21 9.99 -42.67
N MET B 4 0.44 8.89 -43.38
CA MET B 4 1.73 8.23 -43.42
C MET B 4 2.42 8.50 -44.74
N THR B 5 3.66 8.98 -44.69
CA THR B 5 4.44 9.28 -45.89
C THR B 5 5.70 8.45 -45.92
N GLN B 6 5.97 7.81 -47.06
CA GLN B 6 7.13 6.95 -47.23
C GLN B 6 8.14 7.61 -48.16
N ALA B 7 9.42 7.40 -47.87
CA ALA B 7 10.48 8.19 -48.49
C ALA B 7 10.51 8.02 -50.00
N ALA B 8 10.53 6.77 -50.48
CA ALA B 8 10.73 6.50 -51.90
C ALA B 8 9.54 5.71 -52.44
N SER B 9 8.99 6.18 -53.56
CA SER B 9 7.98 5.39 -54.27
C SER B 9 8.57 4.07 -54.74
N SER B 10 9.82 4.10 -55.17
CA SER B 10 10.53 2.89 -55.56
C SER B 10 12.02 3.13 -55.41
N LEU B 11 12.75 2.10 -55.01
CA LEU B 11 14.20 2.17 -54.95
C LEU B 11 14.80 0.89 -55.51
N ALA B 12 15.88 1.04 -56.27
CA ALA B 12 16.51 -0.05 -56.99
C ALA B 12 17.82 -0.42 -56.32
N VAL B 13 18.00 -1.72 -56.02
CA VAL B 13 19.23 -2.23 -55.42
C VAL B 13 19.62 -3.53 -56.10
N SER B 14 20.90 -3.85 -56.02
CA SER B 14 21.43 -5.10 -56.51
C SER B 14 21.32 -6.18 -55.42
N VAL B 15 21.28 -7.44 -55.87
CA VAL B 15 21.14 -8.55 -54.93
C VAL B 15 22.32 -8.58 -53.98
N GLY B 16 22.02 -8.82 -52.70
CA GLY B 16 23.04 -8.84 -51.66
C GLY B 16 23.24 -7.53 -50.94
N GLU B 17 22.82 -6.41 -51.52
CA GLU B 17 23.04 -5.11 -50.91
C GLU B 17 22.06 -4.84 -49.78
N LYS B 18 22.48 -4.02 -48.82
CA LYS B 18 21.68 -3.65 -47.66
C LYS B 18 20.81 -2.44 -47.99
N VAL B 19 19.52 -2.51 -47.66
CA VAL B 19 18.61 -1.45 -48.05
C VAL B 19 17.81 -0.96 -46.85
N THR B 20 17.46 0.34 -46.87
CA THR B 20 16.74 0.99 -45.78
C THR B 20 15.61 1.84 -46.33
N MET B 21 14.41 1.64 -45.80
CA MET B 21 13.23 2.39 -46.18
C MET B 21 12.68 3.16 -44.97
N SER B 22 12.00 4.26 -45.26
CA SER B 22 11.49 5.14 -44.22
C SER B 22 9.97 5.21 -44.27
N CYS B 23 9.39 5.37 -43.07
CA CYS B 23 7.96 5.61 -42.90
C CYS B 23 7.85 6.66 -41.81
N LYS B 24 7.27 7.81 -42.18
CA LYS B 24 7.07 8.91 -41.25
C LYS B 24 5.58 9.17 -41.05
N SER B 25 5.24 9.62 -39.85
CA SER B 25 3.87 9.77 -39.41
C SER B 25 3.61 11.22 -39.03
N SER B 26 2.34 11.63 -39.13
CA SER B 26 1.98 13.00 -38.75
C SER B 26 2.01 13.18 -37.25
N GLN B 27 1.54 12.17 -36.51
CA GLN B 27 1.40 12.22 -35.08
C GLN B 27 2.23 11.11 -34.46
N SER B 28 2.72 11.33 -33.24
CA SER B 28 3.51 10.31 -32.57
C SER B 28 2.66 9.07 -32.37
N LEU B 29 3.22 7.91 -32.70
CA LEU B 29 2.52 6.63 -32.62
C LEU B 29 2.84 5.86 -31.34
N LEU B 30 3.45 6.51 -30.36
CA LEU B 30 3.92 5.85 -29.15
C LEU B 30 2.93 6.10 -28.03
N TYR B 31 2.37 5.03 -27.49
CA TYR B 31 1.48 5.11 -26.32
C TYR B 31 2.33 4.88 -25.07
N SER B 32 2.41 5.90 -24.21
CA SER B 32 3.39 5.86 -23.13
C SER B 32 3.03 4.87 -22.04
N SER B 33 1.74 4.53 -21.89
CA SER B 33 1.35 3.61 -20.83
C SER B 33 1.93 2.21 -21.05
N ASN B 34 1.88 1.71 -22.28
CA ASN B 34 2.47 0.42 -22.59
C ASN B 34 3.80 0.54 -23.34
N GLN B 35 4.21 1.76 -23.67
CA GLN B 35 5.50 2.01 -24.34
C GLN B 35 5.62 1.20 -25.63
N LYS B 36 4.56 1.16 -26.42
CA LYS B 36 4.52 0.41 -27.68
C LYS B 36 4.16 1.33 -28.82
N ASN B 37 4.96 1.31 -29.88
CA ASN B 37 4.68 2.09 -31.08
C ASN B 37 3.67 1.33 -31.94
N TYR B 38 2.54 1.98 -32.24
CA TYR B 38 1.48 1.33 -33.01
C TYR B 38 1.78 1.50 -34.48
N LEU B 39 2.55 0.56 -35.03
CA LEU B 39 3.11 0.69 -36.37
C LEU B 39 3.42 -0.71 -36.89
N ALA B 40 3.27 -0.89 -38.20
CA ALA B 40 3.42 -2.21 -38.78
C ALA B 40 3.97 -2.09 -40.19
N TRP B 41 4.63 -3.16 -40.64
CA TRP B 41 5.27 -3.22 -41.94
C TRP B 41 4.74 -4.44 -42.69
N TYR B 42 4.32 -4.20 -43.93
CA TYR B 42 3.77 -5.22 -44.82
C TYR B 42 4.62 -5.34 -46.07
N GLN B 43 4.69 -6.55 -46.60
CA GLN B 43 5.33 -6.86 -47.88
C GLN B 43 4.27 -7.38 -48.84
N GLN B 44 4.13 -6.73 -49.99
CA GLN B 44 3.17 -7.14 -51.00
C GLN B 44 3.93 -7.46 -52.29
N LYS B 45 4.09 -8.75 -52.56
CA LYS B 45 4.73 -9.21 -53.78
C LYS B 45 3.83 -8.93 -54.97
N PRO B 46 4.37 -8.97 -56.19
CA PRO B 46 3.55 -8.60 -57.37
C PRO B 46 2.30 -9.44 -57.51
N GLY B 47 1.16 -8.75 -57.62
CA GLY B 47 -0.12 -9.40 -57.85
C GLY B 47 -0.58 -10.31 -56.73
N GLN B 48 -0.18 -10.00 -55.50
CA GLN B 48 -0.47 -10.85 -54.36
C GLN B 48 -1.04 -9.99 -53.23
N SER B 49 -1.44 -10.64 -52.14
CA SER B 49 -1.95 -9.96 -50.96
C SER B 49 -0.80 -9.48 -50.06
N PRO B 50 -0.99 -8.40 -49.33
CA PRO B 50 0.04 -7.95 -48.39
C PRO B 50 0.29 -8.97 -47.29
N LYS B 51 1.56 -9.24 -47.05
CA LYS B 51 1.98 -10.12 -45.96
C LYS B 51 2.48 -9.28 -44.80
N LEU B 52 2.10 -9.66 -43.58
CA LEU B 52 2.55 -8.92 -42.40
C LEU B 52 4.02 -9.25 -42.15
N LEU B 53 4.86 -8.22 -42.12
CA LEU B 53 6.28 -8.39 -41.83
C LEU B 53 6.57 -8.10 -40.36
N ILE B 54 6.25 -6.89 -39.90
CA ILE B 54 6.61 -6.47 -38.55
C ILE B 54 5.42 -5.80 -37.88
N TYR B 55 5.19 -6.12 -36.61
CA TYR B 55 4.19 -5.42 -35.81
C TYR B 55 4.85 -4.83 -34.57
N TRP B 56 4.22 -3.77 -34.04
CA TRP B 56 4.71 -2.98 -32.92
C TRP B 56 5.97 -2.20 -33.27
N ALA B 57 6.35 -2.18 -34.55
CA ALA B 57 7.51 -1.53 -35.15
C ALA B 57 8.81 -2.27 -34.90
N SER B 58 8.85 -3.27 -34.02
CA SER B 58 10.08 -3.99 -33.71
C SER B 58 9.88 -5.49 -33.87
N THR B 59 8.86 -6.05 -33.22
CA THR B 59 8.59 -7.48 -33.30
C THR B 59 8.23 -7.88 -34.73
N ARG B 60 8.81 -8.97 -35.21
CA ARG B 60 8.50 -9.47 -36.54
C ARG B 60 7.67 -10.75 -36.41
N GLU B 61 6.72 -10.92 -37.31
CA GLU B 61 5.80 -12.05 -37.24
C GLU B 61 6.56 -13.36 -37.43
N SER B 62 5.98 -14.45 -36.93
CA SER B 62 6.59 -15.76 -37.11
C SER B 62 6.67 -16.09 -38.60
N GLY B 63 7.77 -16.70 -39.00
CA GLY B 63 8.00 -17.01 -40.39
C GLY B 63 8.64 -15.90 -41.21
N VAL B 64 8.92 -14.75 -40.60
CA VAL B 64 9.57 -13.65 -41.30
C VAL B 64 11.07 -13.80 -41.10
N PRO B 65 11.87 -13.76 -42.17
CA PRO B 65 13.31 -14.06 -42.04
C PRO B 65 14.02 -13.11 -41.09
N ASP B 66 15.20 -13.56 -40.65
CA ASP B 66 16.02 -12.75 -39.77
C ASP B 66 16.51 -11.47 -40.44
N ARG B 67 16.55 -11.46 -41.78
CA ARG B 67 17.07 -10.30 -42.51
C ARG B 67 16.28 -9.05 -42.19
N PHE B 68 14.95 -9.15 -42.16
CA PHE B 68 14.11 -7.99 -41.97
C PHE B 68 14.19 -7.50 -40.54
N THR B 69 14.49 -6.21 -40.37
CA THR B 69 14.52 -5.58 -39.06
C THR B 69 13.73 -4.28 -39.13
N GLY B 70 13.08 -3.92 -38.05
CA GLY B 70 12.33 -2.67 -38.00
C GLY B 70 12.65 -1.91 -36.73
N SER B 71 12.70 -0.58 -36.85
CA SER B 71 13.05 0.20 -35.69
C SER B 71 12.51 1.62 -35.85
N GLY B 72 12.34 2.28 -34.73
CA GLY B 72 11.89 3.65 -34.76
C GLY B 72 11.00 3.93 -33.56
N SER B 73 10.61 5.19 -33.44
CA SER B 73 9.77 5.61 -32.32
C SER B 73 9.17 6.97 -32.65
N GLY B 74 8.18 7.36 -31.85
CA GLY B 74 7.50 8.62 -32.06
C GLY B 74 6.86 8.67 -33.43
N THR B 75 7.42 9.47 -34.33
CA THR B 75 6.93 9.58 -35.69
C THR B 75 7.87 8.97 -36.74
N ASP B 76 9.09 8.60 -36.37
CA ASP B 76 10.09 8.20 -37.37
C ASP B 76 10.35 6.72 -37.27
N PHE B 77 10.08 5.99 -38.36
CA PHE B 77 10.29 4.55 -38.41
C PHE B 77 11.03 4.16 -39.68
N THR B 78 11.76 3.05 -39.61
CA THR B 78 12.56 2.57 -40.72
C THR B 78 12.56 1.06 -40.73
N LEU B 79 12.47 0.49 -41.94
CA LEU B 79 12.63 -0.94 -42.17
C LEU B 79 13.95 -1.18 -42.87
N THR B 80 14.69 -2.18 -42.43
CA THR B 80 16.05 -2.42 -42.90
C THR B 80 16.21 -3.87 -43.29
N ILE B 81 16.71 -4.10 -44.50
CA ILE B 81 16.91 -5.44 -45.05
C ILE B 81 18.41 -5.66 -45.19
N SER B 82 18.89 -6.76 -44.58
CA SER B 82 20.31 -7.01 -44.39
C SER B 82 21.01 -7.32 -45.71
N SER B 83 20.69 -8.45 -46.33
CA SER B 83 21.18 -8.81 -47.64
C SER B 83 19.97 -9.14 -48.50
N VAL B 84 19.65 -8.25 -49.43
CA VAL B 84 18.45 -8.43 -50.25
C VAL B 84 18.62 -9.67 -51.12
N LYS B 85 17.54 -10.44 -51.26
CA LYS B 85 17.49 -11.59 -52.14
C LYS B 85 16.50 -11.33 -53.26
N ALA B 86 16.56 -12.19 -54.29
CA ALA B 86 15.66 -12.01 -55.43
C ALA B 86 14.21 -12.04 -55.01
N GLU B 87 13.87 -12.93 -54.06
CA GLU B 87 12.48 -13.12 -53.63
C GLU B 87 11.87 -11.88 -52.99
N ASP B 88 12.67 -10.86 -52.67
CA ASP B 88 12.20 -9.75 -51.84
C ASP B 88 11.55 -8.63 -52.65
N LEU B 89 11.77 -8.60 -53.95
CA LEU B 89 11.25 -7.56 -54.84
C LEU B 89 9.76 -7.39 -54.68
N ALA B 90 9.31 -6.23 -54.22
CA ALA B 90 7.91 -6.12 -53.79
C ALA B 90 7.58 -4.66 -53.43
N VAL B 91 6.37 -4.45 -52.93
CA VAL B 91 5.94 -3.12 -52.47
C VAL B 91 5.73 -3.20 -50.96
N TYR B 92 6.46 -2.38 -50.23
CA TYR B 92 6.45 -2.41 -48.78
C TYR B 92 5.62 -1.26 -48.23
N TYR B 93 4.64 -1.59 -47.40
CA TYR B 93 3.74 -0.59 -46.84
C TYR B 93 3.93 -0.53 -45.33
N CYS B 94 3.52 0.58 -44.76
CA CYS B 94 3.52 0.73 -43.31
C CYS B 94 2.15 1.22 -42.89
N GLN B 95 1.75 0.82 -41.69
CA GLN B 95 0.43 1.11 -41.17
C GLN B 95 0.55 1.62 -39.75
N GLN B 96 -0.20 2.68 -39.44
CA GLN B 96 -0.37 3.13 -38.07
C GLN B 96 -1.75 2.68 -37.60
N TYR B 97 -1.78 1.97 -36.46
CA TYR B 97 -3.04 1.59 -35.85
C TYR B 97 -3.26 2.32 -34.52
N TYR B 98 -2.64 3.49 -34.38
CA TYR B 98 -2.83 4.35 -33.22
C TYR B 98 -4.17 5.06 -33.26
N SER B 99 -4.34 6.00 -34.19
CA SER B 99 -5.56 6.80 -34.25
C SER B 99 -6.56 6.16 -35.21
N PHE B 100 -7.77 6.71 -35.19
CA PHE B 100 -8.85 6.24 -36.06
C PHE B 100 -8.97 7.12 -37.28
N PRO B 101 -8.99 6.52 -38.48
CA PRO B 101 -8.85 5.08 -38.74
C PRO B 101 -7.39 4.69 -38.96
N PRO B 102 -7.11 3.39 -39.08
CA PRO B 102 -5.77 2.99 -39.49
C PRO B 102 -5.47 3.52 -40.88
N THR B 103 -4.30 4.13 -41.03
CA THR B 103 -3.90 4.71 -42.30
C THR B 103 -2.59 4.09 -42.75
N PHE B 104 -2.37 4.11 -44.07
CA PHE B 104 -1.25 3.45 -44.69
C PHE B 104 -0.36 4.47 -45.39
N GLY B 105 0.87 4.05 -45.67
CA GLY B 105 1.76 4.87 -46.46
C GLY B 105 1.50 4.67 -47.94
N GLY B 106 2.17 5.50 -48.74
CA GLY B 106 2.07 5.36 -50.18
C GLY B 106 2.70 4.08 -50.71
N GLY B 107 3.58 3.47 -49.92
CA GLY B 107 4.27 2.26 -50.34
C GLY B 107 5.63 2.58 -50.93
N THR B 108 6.57 1.66 -50.73
CA THR B 108 7.92 1.80 -51.27
C THR B 108 8.24 0.54 -52.06
N LYS B 109 8.43 0.69 -53.37
CA LYS B 109 8.66 -0.47 -54.22
C LYS B 109 10.15 -0.76 -54.24
N LEU B 110 10.53 -1.92 -53.72
CA LEU B 110 11.89 -2.40 -53.90
C LEU B 110 11.94 -3.10 -55.24
N GLU B 111 12.71 -2.52 -56.17
CA GLU B 111 13.05 -3.08 -57.47
C GLU B 111 14.48 -3.62 -57.44
N ILE B 112 14.72 -4.73 -58.13
CA ILE B 112 16.00 -5.42 -58.10
C ILE B 112 16.69 -5.29 -59.45
N LYS B 113 17.99 -5.00 -59.42
CA LYS B 113 18.79 -4.89 -60.63
C LYS B 113 20.02 -5.81 -60.58
N THR C 3 -34.64 1.58 8.61
CA THR C 3 -34.04 2.42 9.64
C THR C 3 -32.85 3.19 9.09
N SER C 4 -31.75 3.22 9.85
CA SER C 4 -30.55 3.97 9.49
C SER C 4 -29.34 3.29 10.10
N ILE C 5 -28.22 3.36 9.40
CA ILE C 5 -27.01 2.63 9.77
C ILE C 5 -26.12 3.50 10.64
N ASN C 6 -25.71 2.96 11.78
CA ASN C 6 -24.75 3.58 12.68
C ASN C 6 -23.41 2.88 12.46
N CYS C 7 -22.40 3.64 12.06
CA CYS C 7 -21.10 3.03 11.80
C CYS C 7 -20.44 2.54 13.09
N LYS C 8 -20.82 3.11 14.24
CA LYS C 8 -20.35 2.57 15.51
C LYS C 8 -21.08 1.29 15.89
N ASN C 9 -22.35 1.17 15.53
CA ASN C 9 -23.13 -0.04 15.82
C ASN C 9 -23.82 -0.46 14.52
N ILE C 10 -23.33 -1.52 13.89
CA ILE C 10 -23.84 -1.98 12.60
C ILE C 10 -24.61 -3.29 12.79
N GLN C 11 -25.83 -3.33 12.27
CA GLN C 11 -26.67 -4.51 12.40
C GLN C 11 -26.19 -5.62 11.48
N SER C 12 -26.38 -6.86 11.94
CA SER C 12 -25.87 -8.03 11.24
C SER C 12 -26.38 -8.11 9.81
N THR C 13 -27.66 -7.82 9.61
CA THR C 13 -28.23 -7.86 8.26
C THR C 13 -27.67 -6.77 7.35
N GLN C 14 -26.98 -5.79 7.91
CA GLN C 14 -26.46 -4.67 7.14
C GLN C 14 -25.09 -4.97 6.53
N LEU C 15 -24.63 -6.22 6.59
CA LEU C 15 -23.29 -6.57 6.12
C LEU C 15 -23.33 -6.99 4.65
N THR C 16 -23.57 -5.99 3.81
CA THR C 16 -23.51 -6.15 2.36
C THR C 16 -22.75 -4.95 1.80
N ILE C 17 -22.23 -5.12 0.59
CA ILE C 17 -21.43 -4.07 -0.01
C ILE C 17 -22.23 -2.77 -0.09
N GLU C 18 -23.53 -2.89 -0.41
CA GLU C 18 -24.39 -1.72 -0.53
C GLU C 18 -24.46 -0.96 0.79
N HIS C 19 -24.79 -1.67 1.86
CA HIS C 19 -24.96 -1.04 3.17
C HIS C 19 -23.62 -0.59 3.75
N LEU C 20 -22.63 -1.48 3.76
CA LEU C 20 -21.31 -1.10 4.27
C LEU C 20 -20.75 0.09 3.52
N SER C 21 -21.11 0.24 2.25
CA SER C 21 -20.65 1.37 1.45
C SER C 21 -21.01 2.69 2.11
N LYS C 22 -22.16 2.76 2.81
CA LYS C 22 -22.61 4.00 3.42
C LYS C 22 -21.67 4.47 4.53
N CYS C 23 -20.90 3.57 5.13
CA CYS C 23 -20.01 3.90 6.24
C CYS C 23 -18.59 4.24 5.80
N MET C 24 -18.36 4.48 4.51
CA MET C 24 -17.05 4.97 4.10
C MET C 24 -16.81 6.36 4.70
N ALA C 25 -15.53 6.68 4.92
CA ALA C 25 -15.19 7.89 5.65
C ALA C 25 -15.53 9.15 4.87
N PHE C 26 -15.26 9.17 3.55
CA PHE C 26 -15.58 10.36 2.78
C PHE C 26 -17.09 10.60 2.75
N TYR C 27 -17.88 9.52 2.78
CA TYR C 27 -19.34 9.66 2.74
C TYR C 27 -19.87 10.40 3.96
N GLN C 28 -19.07 10.55 5.01
CA GLN C 28 -19.51 11.26 6.21
C GLN C 28 -19.53 12.76 6.02
N ASN C 29 -18.95 13.27 4.94
CA ASN C 29 -19.06 14.69 4.58
C ASN C 29 -18.42 15.59 5.62
N LYS C 30 -17.37 15.09 6.28
CA LYS C 30 -16.57 15.85 7.24
C LYS C 30 -15.23 16.18 6.59
N THR C 31 -15.11 17.38 6.05
CA THR C 31 -13.86 17.87 5.46
C THR C 31 -13.08 18.73 6.43
N SER C 32 -13.58 18.88 7.65
CA SER C 32 -13.18 19.94 8.56
C SER C 32 -13.47 19.47 9.97
N SER C 33 -13.09 20.28 10.95
CA SER C 33 -13.32 19.98 12.36
C SER C 33 -12.75 18.61 12.74
N PRO C 34 -11.44 18.38 12.54
CA PRO C 34 -10.85 17.14 13.04
C PRO C 34 -10.91 17.12 14.56
N VAL C 35 -11.06 15.93 15.12
CA VAL C 35 -11.45 15.77 16.51
C VAL C 35 -10.40 14.96 17.24
N VAL C 36 -10.21 15.28 18.53
CA VAL C 36 -9.41 14.43 19.37
C VAL C 36 -10.15 13.11 19.62
N ILE C 37 -9.40 12.01 19.61
CA ILE C 37 -9.98 10.67 19.63
C ILE C 37 -10.86 10.42 20.86
N ASN C 38 -10.53 11.01 22.01
CA ASN C 38 -11.27 10.72 23.25
C ASN C 38 -12.73 11.11 23.12
N GLU C 39 -13.00 12.29 22.57
CA GLU C 39 -14.38 12.72 22.36
C GLU C 39 -15.05 11.86 21.28
N ILE C 40 -14.28 11.41 20.28
CA ILE C 40 -14.86 10.56 19.24
C ILE C 40 -15.42 9.28 19.83
N ILE C 41 -14.69 8.67 20.76
CA ILE C 41 -15.14 7.42 21.38
C ILE C 41 -15.89 7.67 22.68
N SER C 42 -16.26 8.92 22.97
CA SER C 42 -16.97 9.20 24.24
C SER C 42 -18.27 8.41 24.37
N ASP C 43 -18.91 8.05 23.25
CA ASP C 43 -20.11 7.21 23.28
C ASP C 43 -19.73 5.79 22.89
N ALA C 44 -19.10 5.08 23.83
CA ALA C 44 -18.71 3.70 23.63
C ALA C 44 -18.42 3.09 25.00
N SER C 45 -18.38 1.75 25.02
CA SER C 45 -18.09 1.04 26.27
C SER C 45 -16.72 1.46 26.80
N VAL C 46 -16.61 1.53 28.13
CA VAL C 46 -15.35 1.95 28.75
C VAL C 46 -14.22 1.01 28.37
N ASP C 47 -14.51 -0.28 28.26
CA ASP C 47 -13.48 -1.24 27.87
C ASP C 47 -12.98 -0.95 26.45
N GLU C 48 -13.90 -0.81 25.49
CA GLU C 48 -13.50 -0.49 24.13
C GLU C 48 -12.79 0.86 24.08
N GLN C 49 -13.19 1.80 24.94
CA GLN C 49 -12.50 3.09 24.98
C GLN C 49 -11.04 2.92 25.42
N GLU C 50 -10.81 2.13 26.47
CA GLU C 50 -9.45 1.90 26.93
C GLU C 50 -8.62 1.14 25.89
N LEU C 51 -9.26 0.26 25.11
CA LEU C 51 -8.55 -0.46 24.07
C LEU C 51 -8.14 0.48 22.93
N ILE C 52 -9.10 1.23 22.38
CA ILE C 52 -8.82 2.15 21.29
C ILE C 52 -7.79 3.19 21.70
N LYS C 53 -7.92 3.72 22.92
CA LYS C 53 -6.89 4.62 23.42
C LYS C 53 -5.53 3.91 23.49
N SER C 54 -5.54 2.64 23.90
CA SER C 54 -4.29 1.88 23.99
C SER C 54 -3.62 1.70 22.64
N LEU C 55 -4.38 1.70 21.55
CA LEU C 55 -3.78 1.48 20.22
C LEU C 55 -2.77 2.55 19.84
N ASN C 56 -2.93 3.77 20.35
CA ASN C 56 -2.10 4.92 19.97
C ASN C 56 -2.24 5.23 18.48
N LEU C 57 -3.48 5.48 18.09
CA LEU C 57 -3.81 5.72 16.69
C LEU C 57 -3.50 7.16 16.27
N ASN C 58 -3.03 7.31 15.03
CA ASN C 58 -2.88 8.61 14.38
C ASN C 58 -3.20 8.44 12.90
N CYS C 59 -3.33 9.57 12.21
CA CYS C 59 -3.84 9.57 10.83
C CYS C 59 -2.97 8.77 9.87
N ASN C 60 -1.71 8.51 10.23
CA ASN C 60 -0.82 7.83 9.29
C ASN C 60 -1.01 6.31 9.36
N VAL C 61 -1.13 5.75 10.56
CA VAL C 61 -1.20 4.31 10.72
C VAL C 61 -2.62 3.77 10.83
N ILE C 62 -3.63 4.65 10.91
CA ILE C 62 -4.98 4.19 11.18
C ILE C 62 -5.50 3.32 10.04
N ASP C 63 -5.18 3.66 8.79
CA ASP C 63 -5.59 2.81 7.69
C ASP C 63 -4.96 1.43 7.79
N ARG C 64 -3.76 1.35 8.34
CA ARG C 64 -3.11 0.05 8.48
C ARG C 64 -3.76 -0.75 9.61
N PHE C 65 -4.11 -0.09 10.71
CA PHE C 65 -4.85 -0.78 11.77
C PHE C 65 -6.21 -1.27 11.26
N ILE C 66 -6.85 -0.48 10.40
CA ILE C 66 -8.10 -0.91 9.76
C ILE C 66 -7.84 -2.14 8.90
N SER C 67 -6.74 -2.14 8.15
CA SER C 67 -6.44 -3.28 7.29
C SER C 67 -6.11 -4.54 8.07
N GLU C 68 -5.55 -4.39 9.28
CA GLU C 68 -5.14 -5.57 10.03
C GLU C 68 -6.32 -6.30 10.66
N SER C 69 -7.32 -5.56 11.16
CA SER C 69 -8.42 -6.16 11.91
C SER C 69 -9.26 -7.09 11.03
N SER C 70 -9.65 -8.23 11.59
CA SER C 70 -10.49 -9.20 10.91
C SER C 70 -11.97 -9.02 11.22
N VAL C 71 -12.32 -8.09 12.11
CA VAL C 71 -13.70 -7.85 12.50
C VAL C 71 -14.25 -6.70 11.67
N ILE C 72 -15.24 -6.99 10.83
CA ILE C 72 -15.77 -5.97 9.92
C ILE C 72 -16.40 -4.83 10.70
N GLU C 73 -17.04 -5.15 11.84
CA GLU C 73 -17.58 -4.09 12.69
C GLU C 73 -16.47 -3.23 13.26
N THR C 74 -15.35 -3.85 13.63
CA THR C 74 -14.19 -3.09 14.10
C THR C 74 -13.60 -2.23 12.99
N GLN C 75 -13.52 -2.78 11.77
CA GLN C 75 -13.03 -2.00 10.64
C GLN C 75 -13.92 -0.79 10.36
N VAL C 76 -15.23 -0.99 10.35
CA VAL C 76 -16.15 0.11 10.13
C VAL C 76 -16.03 1.13 11.25
N TYR C 77 -15.92 0.68 12.50
CA TYR C 77 -15.76 1.62 13.61
C TYR C 77 -14.50 2.45 13.44
N TYR C 78 -13.35 1.79 13.23
CA TYR C 78 -12.11 2.52 12.99
C TYR C 78 -12.21 3.45 11.80
N GLU C 79 -12.98 3.08 10.78
CA GLU C 79 -13.20 3.95 9.64
C GLU C 79 -13.97 5.20 10.05
N TYR C 80 -14.97 5.05 10.92
CA TYR C 80 -15.68 6.20 11.45
C TYR C 80 -14.71 7.08 12.24
N ILE C 81 -13.86 6.45 13.04
CA ILE C 81 -12.82 7.17 13.77
C ILE C 81 -11.93 7.93 12.79
N LYS C 82 -11.62 7.31 11.66
CA LYS C 82 -10.79 7.97 10.66
C LYS C 82 -11.49 9.19 10.10
N SER C 83 -12.80 9.09 9.87
CA SER C 83 -13.54 10.22 9.31
C SER C 83 -13.55 11.39 10.27
N GLN C 84 -13.72 11.14 11.57
CA GLN C 84 -13.74 12.27 12.50
C GLN C 84 -12.33 12.78 12.83
N LEU C 85 -11.35 11.89 12.89
CA LEU C 85 -9.98 12.26 13.25
C LEU C 85 -9.23 12.86 12.07
N CYS C 86 -9.45 12.35 10.87
CA CYS C 86 -8.62 12.69 9.70
C CYS C 86 -9.47 13.20 8.55
N PRO C 87 -10.12 14.36 8.70
CA PRO C 87 -10.96 14.86 7.60
C PRO C 87 -10.13 15.25 6.38
N LEU C 88 -9.01 15.93 6.59
CA LEU C 88 -8.20 16.39 5.46
C LEU C 88 -7.58 15.21 4.73
N GLN C 89 -7.08 14.22 5.47
CA GLN C 89 -6.54 13.02 4.83
C GLN C 89 -7.64 12.29 4.06
N VAL C 90 -8.86 12.28 4.61
CA VAL C 90 -9.97 11.60 3.96
C VAL C 90 -10.30 12.27 2.62
N HIS C 91 -10.44 13.59 2.61
CA HIS C 91 -10.87 14.29 1.41
C HIS C 91 -9.74 14.85 0.58
N ASP C 92 -8.49 14.46 0.86
CA ASP C 92 -7.36 15.01 0.11
C ASP C 92 -7.42 14.64 -1.36
N ILE C 93 -8.09 13.54 -1.71
CA ILE C 93 -8.05 13.05 -3.08
C ILE C 93 -8.88 13.92 -4.02
N PHE C 94 -9.94 14.56 -3.53
CA PHE C 94 -10.84 15.29 -4.42
C PHE C 94 -10.34 16.66 -4.82
N THR C 95 -9.32 17.20 -4.15
CA THR C 95 -8.75 18.46 -4.58
C THR C 95 -7.92 18.25 -5.84
N ILE C 96 -8.11 19.12 -6.84
CA ILE C 96 -7.63 18.84 -8.19
C ILE C 96 -6.11 18.67 -8.22
N ASN C 97 -5.39 19.39 -7.37
CA ASN C 97 -3.95 19.17 -7.19
C ASN C 97 -3.70 18.86 -5.73
N SER C 98 -3.26 17.63 -5.46
CA SER C 98 -2.97 17.17 -4.11
C SER C 98 -1.87 16.14 -4.20
N ALA C 99 -1.23 15.86 -3.07
CA ALA C 99 -0.27 14.76 -3.04
C ALA C 99 -0.95 13.44 -3.38
N SER C 100 -2.07 13.16 -2.72
CA SER C 100 -2.83 11.94 -2.99
C SER C 100 -3.31 11.90 -4.44
N ASN C 101 -3.78 13.03 -4.95
CA ASN C 101 -4.25 13.08 -6.34
C ASN C 101 -3.11 12.80 -7.31
N ILE C 102 -1.90 13.28 -6.99
CA ILE C 102 -0.74 13.00 -7.85
C ILE C 102 -0.40 11.51 -7.80
N GLN C 103 -0.40 10.91 -6.61
CA GLN C 103 -0.17 9.47 -6.50
C GLN C 103 -1.16 8.69 -7.36
N TRP C 104 -2.45 9.02 -7.24
CA TRP C 104 -3.47 8.36 -8.02
C TRP C 104 -3.27 8.57 -9.53
N LYS C 105 -2.88 9.78 -9.92
CA LYS C 105 -2.60 10.06 -11.33
C LYS C 105 -1.47 9.19 -11.84
N ALA C 106 -0.39 9.08 -11.06
CA ALA C 106 0.71 8.22 -11.46
C ALA C 106 0.25 6.79 -11.65
N LEU C 107 -0.57 6.29 -10.71
CA LEU C 107 -1.10 4.94 -10.88
C LEU C 107 -1.89 4.82 -12.18
N ALA C 108 -2.73 5.80 -12.49
CA ALA C 108 -3.56 5.72 -13.69
C ALA C 108 -2.72 5.73 -14.96
N ARG C 109 -1.71 6.61 -15.03
CA ARG C 109 -0.84 6.63 -16.19
C ARG C 109 -0.08 5.33 -16.34
N SER C 110 0.29 4.69 -15.22
CA SER C 110 1.07 3.46 -15.27
C SER C 110 0.29 2.22 -15.72
N PHE C 111 -1.00 2.13 -15.38
CA PHE C 111 -1.82 0.99 -15.79
C PHE C 111 -2.32 1.16 -17.22
N THR C 112 -2.39 0.04 -17.94
CA THR C 112 -2.88 0.00 -19.31
C THR C 112 -4.16 -0.82 -19.38
N LEU C 113 -5.28 -0.18 -19.67
CA LEU C 113 -6.51 -0.93 -19.85
C LEU C 113 -6.48 -1.69 -21.17
N GLY C 114 -7.22 -2.79 -21.22
CA GLY C 114 -7.23 -3.59 -22.44
C GLY C 114 -7.73 -2.80 -23.63
N VAL C 115 -8.84 -2.10 -23.46
CA VAL C 115 -9.39 -1.27 -24.53
C VAL C 115 -8.40 -0.17 -24.91
N CYS C 116 -7.61 0.31 -23.96
CA CYS C 116 -6.55 1.26 -24.30
C CYS C 116 -5.46 0.60 -25.13
N ASN C 117 -5.06 -0.62 -24.77
CA ASN C 117 -4.06 -1.33 -25.57
C ASN C 117 -4.53 -1.54 -27.00
N THR C 118 -5.81 -1.90 -27.18
CA THR C 118 -6.31 -2.09 -28.54
C THR C 118 -6.54 -0.74 -29.22
N ASN C 119 -7.09 0.24 -28.51
CA ASN C 119 -7.49 1.52 -29.11
C ASN C 119 -6.96 2.68 -28.26
N PRO C 120 -5.67 3.01 -28.37
CA PRO C 120 -5.13 4.10 -27.55
C PRO C 120 -5.73 5.46 -27.89
N HIS C 121 -6.38 5.60 -29.04
CA HIS C 121 -6.98 6.88 -29.41
C HIS C 121 -8.23 7.22 -28.60
N LYS C 122 -8.80 6.24 -27.89
CA LYS C 122 -10.08 6.44 -27.20
C LYS C 122 -9.96 7.48 -26.10
N HIS C 123 -11.10 8.09 -25.77
CA HIS C 123 -11.10 9.21 -24.85
C HIS C 123 -10.57 8.82 -23.47
N ILE C 124 -11.00 7.67 -22.96
CA ILE C 124 -10.62 7.24 -21.61
C ILE C 124 -9.11 7.06 -21.52
N CYS C 125 -8.49 6.49 -22.55
CA CYS C 125 -7.04 6.36 -22.58
C CYS C 125 -6.36 7.71 -22.51
N ARG C 126 -6.85 8.67 -23.32
CA ARG C 126 -6.29 10.01 -23.30
C ARG C 126 -6.44 10.65 -21.93
N CYS C 127 -7.58 10.42 -21.28
CA CYS C 127 -7.82 10.98 -19.96
C CYS C 127 -6.85 10.42 -18.93
N LEU C 128 -6.61 9.11 -18.97
CA LEU C 128 -5.73 8.50 -17.98
C LEU C 128 -4.26 8.85 -18.24
N GLU C 129 -3.85 8.92 -19.51
CA GLU C 129 -2.43 9.16 -19.83
C GLU C 129 -2.12 10.65 -19.84
N SER C 130 -2.68 11.38 -20.81
CA SER C 130 -2.32 12.76 -21.05
C SER C 130 -3.32 13.76 -20.46
N MET C 131 -4.26 13.29 -19.65
CA MET C 131 -5.17 14.15 -18.88
C MET C 131 -6.12 14.97 -19.76
N GLN C 132 -6.32 14.59 -21.02
CA GLN C 132 -7.22 15.27 -21.94
C GLN C 132 -8.50 14.46 -22.13
N MET C 133 -9.50 15.08 -22.77
CA MET C 133 -10.75 14.42 -23.16
C MET C 133 -11.53 13.86 -21.98
N CYS C 134 -11.29 14.36 -20.76
CA CYS C 134 -11.85 13.72 -19.58
C CYS C 134 -13.34 14.01 -19.37
N THR C 135 -13.97 14.83 -20.19
CA THR C 135 -15.42 15.02 -20.14
C THR C 135 -16.04 14.24 -21.30
N SER C 136 -16.62 13.09 -20.99
CA SER C 136 -17.30 12.28 -21.98
C SER C 136 -18.38 11.47 -21.28
N THR C 137 -19.57 11.45 -21.86
CA THR C 137 -20.69 10.74 -21.26
C THR C 137 -20.50 9.23 -21.37
N LYS C 138 -21.26 8.50 -20.56
CA LYS C 138 -21.25 7.04 -20.66
C LYS C 138 -21.81 6.57 -22.00
N THR C 139 -22.66 7.39 -22.64
CA THR C 139 -23.22 7.00 -23.93
C THR C 139 -22.18 7.09 -25.05
N ASP C 140 -21.34 8.14 -25.03
CA ASP C 140 -20.22 8.19 -25.95
C ASP C 140 -19.30 6.99 -25.75
N HIS C 141 -18.98 6.69 -24.50
CA HIS C 141 -18.22 5.49 -24.20
C HIS C 141 -18.91 4.23 -24.71
N ALA C 142 -20.24 4.20 -24.69
CA ALA C 142 -20.97 3.04 -25.17
C ALA C 142 -20.81 2.89 -26.68
N ARG C 143 -21.09 3.95 -27.44
CA ARG C 143 -20.96 3.88 -28.89
C ARG C 143 -19.53 3.55 -29.28
N GLU C 144 -18.55 4.04 -28.53
CA GLU C 144 -17.18 3.82 -28.92
C GLU C 144 -16.69 2.41 -28.57
N MET C 145 -16.93 1.94 -27.33
CA MET C 145 -16.24 0.77 -26.78
C MET C 145 -17.15 -0.43 -26.57
N SER C 146 -18.44 -0.30 -26.91
CA SER C 146 -19.34 -1.44 -26.79
C SER C 146 -18.90 -2.59 -27.70
N ILE C 147 -18.29 -2.27 -28.85
CA ILE C 147 -17.77 -3.33 -29.71
C ILE C 147 -16.60 -4.02 -29.03
N TYR C 148 -15.90 -3.31 -28.13
CA TYR C 148 -14.76 -3.94 -27.49
C TYR C 148 -15.18 -4.83 -26.33
N TYR C 149 -16.12 -4.38 -25.49
CA TYR C 149 -16.43 -5.16 -24.29
C TYR C 149 -17.55 -6.17 -24.46
N ASP C 150 -18.66 -5.78 -25.10
CA ASP C 150 -19.85 -6.60 -25.11
C ASP C 150 -19.56 -8.00 -25.61
N GLY C 151 -19.98 -9.00 -24.85
CA GLY C 151 -19.75 -10.39 -25.21
C GLY C 151 -18.34 -10.90 -24.98
N HIS C 152 -17.53 -10.20 -24.20
CA HIS C 152 -16.15 -10.61 -23.93
C HIS C 152 -15.92 -10.57 -22.43
N PRO C 153 -16.21 -11.67 -21.72
CA PRO C 153 -15.97 -11.67 -20.27
C PRO C 153 -14.51 -11.49 -19.91
N ASP C 154 -13.60 -12.12 -20.64
CA ASP C 154 -12.18 -12.04 -20.31
C ASP C 154 -11.70 -10.59 -20.33
N ARG C 155 -11.98 -9.88 -21.42
CA ARG C 155 -11.56 -8.48 -21.52
C ARG C 155 -12.24 -7.63 -20.45
N PHE C 156 -13.52 -7.87 -20.21
CA PHE C 156 -14.26 -7.11 -19.22
C PHE C 156 -13.66 -7.28 -17.82
N GLU C 157 -13.37 -8.52 -17.43
CA GLU C 157 -12.75 -8.76 -16.13
C GLU C 157 -11.34 -8.21 -16.09
N HIS C 158 -10.63 -8.25 -17.22
CA HIS C 158 -9.28 -7.72 -17.28
C HIS C 158 -9.26 -6.24 -16.93
N ASP C 159 -10.05 -5.43 -17.64
CA ASP C 159 -10.10 -4.01 -17.31
C ASP C 159 -10.74 -3.76 -15.94
N MET C 160 -11.69 -4.60 -15.55
CA MET C 160 -12.36 -4.41 -14.27
C MET C 160 -11.38 -4.52 -13.10
N LYS C 161 -10.46 -5.50 -13.16
CA LYS C 161 -9.48 -5.60 -12.07
C LYS C 161 -8.62 -4.36 -11.99
N ILE C 162 -8.23 -3.80 -13.14
CA ILE C 162 -7.42 -2.59 -13.15
C ILE C 162 -8.18 -1.44 -12.49
N ILE C 163 -9.45 -1.26 -12.89
CA ILE C 163 -10.28 -0.24 -12.25
C ILE C 163 -10.28 -0.44 -10.75
N LEU C 164 -10.39 -1.70 -10.31
CA LEU C 164 -10.41 -1.98 -8.89
C LEU C 164 -9.09 -1.59 -8.21
N ASN C 165 -7.96 -1.70 -8.91
CA ASN C 165 -6.71 -1.25 -8.30
C ASN C 165 -6.68 0.26 -8.15
N ILE C 166 -7.06 0.97 -9.21
CA ILE C 166 -7.01 2.44 -9.19
C ILE C 166 -7.92 2.98 -8.09
N MET C 167 -9.16 2.45 -8.02
CA MET C 167 -10.04 2.85 -6.94
C MET C 167 -9.53 2.36 -5.59
N ARG C 168 -8.83 1.23 -5.58
CA ARG C 168 -8.17 0.77 -4.37
C ARG C 168 -7.29 1.85 -3.79
N TYR C 169 -6.63 2.62 -4.64
CA TYR C 169 -5.84 3.71 -4.08
C TYR C 169 -6.59 5.03 -3.98
N ILE C 170 -7.81 5.13 -4.50
CA ILE C 170 -8.60 6.34 -4.23
C ILE C 170 -9.11 6.35 -2.80
N VAL C 171 -9.75 5.27 -2.37
CA VAL C 171 -10.46 5.25 -1.09
C VAL C 171 -9.91 4.18 -0.14
N PRO C 172 -8.88 4.50 0.63
CA PRO C 172 -8.28 3.49 1.53
C PRO C 172 -9.21 3.07 2.66
N GLY C 173 -8.73 2.18 3.53
CA GLY C 173 -9.53 1.77 4.67
C GLY C 173 -10.69 0.85 4.34
N LEU C 174 -11.90 1.27 4.71
CA LEU C 174 -13.07 0.46 4.43
C LEU C 174 -13.29 0.30 2.94
N GLY C 175 -13.13 1.39 2.18
CA GLY C 175 -13.32 1.32 0.74
C GLY C 175 -12.44 0.27 0.09
N ARG C 176 -11.16 0.25 0.46
CA ARG C 176 -10.25 -0.77 -0.06
C ARG C 176 -10.74 -2.18 0.29
N VAL C 177 -11.23 -2.37 1.51
CA VAL C 177 -11.76 -3.68 1.90
C VAL C 177 -12.94 -4.07 1.00
N LEU C 178 -13.84 -3.12 0.74
CA LEU C 178 -14.97 -3.40 -0.13
C LEU C 178 -14.53 -3.73 -1.55
N LEU C 179 -13.53 -3.01 -2.06
CA LEU C 179 -13.01 -3.31 -3.39
C LEU C 179 -12.40 -4.71 -3.44
N ASP C 180 -11.60 -5.06 -2.44
CA ASP C 180 -11.05 -6.41 -2.40
C ASP C 180 -12.15 -7.45 -2.34
N GLN C 181 -13.23 -7.17 -1.60
CA GLN C 181 -14.34 -8.12 -1.53
C GLN C 181 -15.02 -8.29 -2.89
N ILE C 182 -15.21 -7.18 -3.62
CA ILE C 182 -15.78 -7.23 -4.96
C ILE C 182 -14.89 -8.04 -5.89
N LYS C 183 -13.58 -7.78 -5.86
CA LYS C 183 -12.65 -8.54 -6.68
C LYS C 183 -12.71 -10.03 -6.34
N GLN C 184 -12.80 -10.36 -5.06
CA GLN C 184 -12.82 -11.77 -4.65
C GLN C 184 -14.10 -12.46 -5.13
N THR C 185 -15.24 -11.77 -5.09
CA THR C 185 -16.52 -12.40 -5.39
C THR C 185 -16.96 -12.25 -6.84
N LYS C 186 -16.20 -11.56 -7.69
CA LYS C 186 -16.55 -11.28 -9.09
C LYS C 186 -17.89 -10.57 -9.22
N ASP C 187 -18.45 -10.07 -8.11
CA ASP C 187 -19.73 -9.34 -8.11
C ASP C 187 -19.47 -7.88 -8.51
N TYR C 188 -19.20 -7.69 -9.80
CA TYR C 188 -18.73 -6.39 -10.26
C TYR C 188 -19.82 -5.34 -10.32
N GLN C 189 -21.09 -5.73 -10.33
CA GLN C 189 -22.15 -4.72 -10.36
C GLN C 189 -22.22 -3.98 -9.02
N ALA C 190 -21.92 -4.65 -7.92
CA ALA C 190 -21.86 -4.00 -6.61
C ALA C 190 -20.94 -2.78 -6.61
N LEU C 191 -20.00 -2.72 -7.56
CA LEU C 191 -19.10 -1.57 -7.65
C LEU C 191 -19.87 -0.26 -7.77
N ARG C 192 -21.09 -0.30 -8.33
CA ARG C 192 -21.90 0.92 -8.38
C ARG C 192 -21.94 1.61 -7.04
N HIS C 193 -22.16 0.84 -5.97
CA HIS C 193 -22.35 1.42 -4.65
C HIS C 193 -21.15 2.25 -4.23
N ILE C 194 -19.95 1.87 -4.67
CA ILE C 194 -18.81 2.75 -4.48
C ILE C 194 -18.83 3.89 -5.47
N GLN C 195 -18.91 3.58 -6.77
CA GLN C 195 -18.76 4.63 -7.80
C GLN C 195 -19.87 5.65 -7.71
N GLY C 196 -21.10 5.20 -7.47
CA GLY C 196 -22.22 6.11 -7.33
C GLY C 196 -22.02 7.12 -6.22
N LYS C 197 -21.39 6.71 -5.13
CA LYS C 197 -21.14 7.63 -4.03
C LYS C 197 -19.93 8.52 -4.29
N LEU C 198 -19.18 8.26 -5.34
CA LEU C 198 -17.96 9.01 -5.61
C LEU C 198 -18.10 10.04 -6.73
N SER C 199 -19.12 9.90 -7.58
CA SER C 199 -19.26 10.81 -8.73
C SER C 199 -19.57 12.24 -8.28
N PRO C 200 -20.64 12.51 -7.52
CA PRO C 200 -20.94 13.91 -7.16
C PRO C 200 -19.88 14.52 -6.28
N LYS C 201 -19.11 13.71 -5.55
CA LYS C 201 -17.99 14.20 -4.79
C LYS C 201 -16.87 14.68 -5.71
N SER C 202 -16.89 14.25 -6.97
CA SER C 202 -15.75 14.39 -7.86
C SER C 202 -15.94 15.44 -8.94
N GLN C 203 -16.89 16.37 -8.77
CA GLN C 203 -17.17 17.29 -9.85
C GLN C 203 -16.04 18.30 -10.05
N SER C 204 -15.32 18.63 -8.98
CA SER C 204 -14.23 19.58 -9.13
C SER C 204 -13.05 18.99 -9.89
N ASN C 205 -12.81 17.69 -9.74
CA ASN C 205 -11.72 17.02 -10.45
C ASN C 205 -12.26 16.45 -11.76
N LEU C 206 -11.78 16.99 -12.89
CA LEU C 206 -12.29 16.56 -14.18
C LEU C 206 -11.83 15.15 -14.51
N GLN C 207 -10.54 14.86 -14.31
CA GLN C 207 -10.02 13.54 -14.63
C GLN C 207 -10.73 12.46 -13.82
N LEU C 208 -10.92 12.70 -12.52
CA LEU C 208 -11.62 11.74 -11.69
C LEU C 208 -13.05 11.56 -12.17
N LYS C 209 -13.72 12.66 -12.50
CA LYS C 209 -15.11 12.58 -12.99
C LYS C 209 -15.18 11.72 -14.23
N GLY C 210 -14.28 11.94 -15.19
CA GLY C 210 -14.29 11.16 -16.41
C GLY C 210 -13.97 9.69 -16.18
N PHE C 211 -13.01 9.42 -15.28
CA PHE C 211 -12.70 8.03 -14.94
C PHE C 211 -13.93 7.32 -14.38
N LEU C 212 -14.61 7.95 -13.42
CA LEU C 212 -15.78 7.32 -12.80
C LEU C 212 -16.91 7.15 -13.82
N GLU C 213 -17.06 8.12 -14.73
CA GLU C 213 -18.01 7.96 -15.83
C GLU C 213 -17.67 6.73 -16.67
N PHE C 214 -16.39 6.55 -16.99
CA PHE C 214 -16.01 5.34 -17.71
C PHE C 214 -16.42 4.10 -16.93
N VAL C 215 -16.24 4.12 -15.60
CA VAL C 215 -16.67 2.99 -14.79
C VAL C 215 -18.16 2.74 -14.96
N ASP C 216 -18.95 3.83 -14.93
CA ASP C 216 -20.39 3.70 -15.11
C ASP C 216 -20.71 3.02 -16.43
N PHE C 217 -20.06 3.43 -17.51
CA PHE C 217 -20.29 2.78 -18.79
C PHE C 217 -19.92 1.30 -18.73
N ILE C 218 -18.71 0.99 -18.27
CA ILE C 218 -18.20 -0.37 -18.40
C ILE C 218 -19.01 -1.35 -17.57
N LEU C 219 -19.55 -0.92 -16.42
CA LEU C 219 -20.37 -1.83 -15.64
C LEU C 219 -21.59 -2.29 -16.42
N GLY C 220 -22.09 -1.47 -17.35
CA GLY C 220 -23.24 -1.79 -18.16
C GLY C 220 -22.98 -2.61 -19.41
N ALA C 221 -21.79 -3.16 -19.56
CA ALA C 221 -21.48 -3.92 -20.77
C ALA C 221 -22.27 -5.22 -20.78
N ASN C 222 -22.72 -5.63 -21.97
CA ASN C 222 -23.54 -6.83 -22.11
C ASN C 222 -22.61 -8.03 -22.01
N VAL C 223 -22.52 -8.60 -20.81
CA VAL C 223 -21.60 -9.69 -20.53
C VAL C 223 -22.10 -10.38 -19.28
N THR C 224 -21.96 -11.70 -19.24
CA THR C 224 -22.46 -12.51 -18.13
C THR C 224 -21.28 -12.96 -17.27
N ILE C 225 -21.41 -12.75 -15.96
CA ILE C 225 -20.34 -13.10 -15.02
C ILE C 225 -20.93 -13.93 -13.90
N GLU C 226 -20.13 -14.86 -13.39
CA GLU C 226 -20.54 -15.77 -12.32
C GLU C 226 -19.90 -15.30 -11.02
N LYS C 227 -20.70 -15.25 -9.96
CA LYS C 227 -20.27 -14.67 -8.69
C LYS C 227 -19.82 -15.80 -7.77
N THR C 228 -18.52 -15.83 -7.46
CA THR C 228 -17.97 -16.83 -6.57
C THR C 228 -18.49 -16.59 -5.15
N PRO C 229 -18.41 -17.60 -4.27
CA PRO C 229 -19.02 -17.44 -2.94
C PRO C 229 -18.35 -16.36 -2.10
N GLN C 230 -19.13 -15.87 -1.13
CA GLN C 230 -18.73 -14.81 -0.21
C GLN C 230 -18.26 -15.41 1.11
N THR C 231 -17.32 -14.73 1.77
CA THR C 231 -16.80 -15.22 3.03
C THR C 231 -17.55 -14.67 4.25
N LEU C 232 -18.20 -13.52 4.11
CA LEU C 232 -18.95 -12.93 5.23
C LEU C 232 -20.14 -13.81 5.61
N GLU D 1 -10.17 -3.47 49.37
CA GLU D 1 -9.91 -3.10 47.98
C GLU D 1 -8.73 -3.92 47.44
N VAL D 2 -7.75 -3.22 46.90
CA VAL D 2 -6.45 -3.78 46.55
C VAL D 2 -5.48 -3.26 47.61
N GLN D 3 -4.66 -4.15 48.17
CA GLN D 3 -3.92 -3.77 49.38
C GLN D 3 -2.49 -4.26 49.34
N LEU D 4 -1.59 -3.43 49.89
CA LEU D 4 -0.16 -3.72 50.04
C LEU D 4 0.21 -3.56 51.52
N GLN D 5 0.56 -4.67 52.15
CA GLN D 5 0.94 -4.69 53.56
C GLN D 5 2.46 -4.66 53.68
N GLN D 6 2.97 -3.83 54.57
CA GLN D 6 4.41 -3.72 54.75
C GLN D 6 4.79 -4.13 56.17
N SER D 7 6.07 -4.44 56.35
CA SER D 7 6.58 -4.77 57.66
C SER D 7 6.57 -3.53 58.57
N GLY D 8 6.64 -3.77 59.87
CA GLY D 8 6.63 -2.71 60.84
C GLY D 8 7.86 -1.82 60.75
N PRO D 9 7.88 -0.74 61.54
CA PRO D 9 9.02 0.18 61.48
C PRO D 9 10.31 -0.50 61.88
N GLU D 10 11.43 0.12 61.48
CA GLU D 10 12.76 -0.44 61.68
C GLU D 10 13.68 0.60 62.29
N LEU D 11 14.34 0.24 63.38
CA LEU D 11 15.44 1.02 63.94
C LEU D 11 16.73 0.25 63.72
N VAL D 12 17.65 0.83 62.95
CA VAL D 12 18.89 0.17 62.57
C VAL D 12 20.06 1.09 62.85
N LYS D 13 21.12 0.54 63.45
CA LYS D 13 22.33 1.29 63.69
C LYS D 13 23.11 1.47 62.38
N PRO D 14 23.88 2.56 62.26
CA PRO D 14 24.52 2.86 60.97
C PRO D 14 25.53 1.79 60.57
N GLY D 15 25.43 1.35 59.32
CA GLY D 15 26.32 0.33 58.77
C GLY D 15 25.69 -1.03 58.61
N ALA D 16 24.53 -1.28 59.18
CA ALA D 16 23.87 -2.59 59.09
C ALA D 16 22.85 -2.58 57.96
N SER D 17 22.22 -3.74 57.75
CA SER D 17 21.31 -3.95 56.64
C SER D 17 19.91 -4.28 57.17
N VAL D 18 18.90 -3.86 56.44
CA VAL D 18 17.50 -4.04 56.80
C VAL D 18 16.74 -4.57 55.58
N LYS D 19 15.73 -5.39 55.86
CA LYS D 19 14.93 -6.07 54.85
C LYS D 19 13.46 -5.73 55.07
N VAL D 20 12.81 -5.23 54.02
CA VAL D 20 11.43 -4.78 54.09
C VAL D 20 10.59 -5.71 53.24
N SER D 21 9.42 -6.09 53.77
CA SER D 21 8.50 -7.00 53.09
C SER D 21 7.28 -6.22 52.63
N CYS D 22 6.75 -6.59 51.47
CA CYS D 22 5.59 -5.92 50.89
C CYS D 22 4.70 -7.00 50.28
N LYS D 23 3.63 -7.35 50.99
CA LYS D 23 2.71 -8.40 50.61
C LYS D 23 1.56 -7.82 49.80
N ALA D 24 1.30 -8.41 48.64
CA ALA D 24 0.30 -7.91 47.71
C ALA D 24 -0.97 -8.73 47.78
N SER D 25 -2.11 -8.05 47.78
CA SER D 25 -3.40 -8.71 47.84
C SER D 25 -4.40 -7.93 47.02
N GLY D 26 -5.41 -8.63 46.51
CA GLY D 26 -6.48 -8.03 45.74
C GLY D 26 -6.29 -8.01 44.24
N TYR D 27 -5.12 -8.40 43.76
CA TYR D 27 -4.87 -8.47 42.32
C TYR D 27 -3.94 -9.64 42.04
N SER D 28 -3.60 -9.83 40.77
CA SER D 28 -2.65 -10.87 40.35
C SER D 28 -1.25 -10.29 40.41
N PHE D 29 -0.44 -10.80 41.35
CA PHE D 29 0.82 -10.15 41.69
C PHE D 29 1.80 -10.08 40.51
N THR D 30 1.74 -11.04 39.59
CA THR D 30 2.75 -11.12 38.54
C THR D 30 2.45 -10.24 37.33
N ASP D 31 1.27 -9.61 37.26
CA ASP D 31 0.96 -8.75 36.12
C ASP D 31 1.54 -7.35 36.24
N TYR D 32 1.69 -6.85 37.46
CA TYR D 32 2.21 -5.52 37.73
C TYR D 32 3.59 -5.61 38.37
N ASN D 33 4.47 -4.67 38.05
CA ASN D 33 5.79 -4.64 38.67
C ASN D 33 5.79 -3.72 39.89
N MET D 34 6.84 -3.86 40.71
CA MET D 34 6.91 -3.20 42.00
C MET D 34 7.93 -2.06 41.98
N CYS D 35 7.50 -0.90 42.45
CA CYS D 35 8.33 0.28 42.56
C CYS D 35 8.56 0.63 44.02
N TRP D 36 9.73 1.20 44.31
CA TRP D 36 10.08 1.64 45.65
C TRP D 36 10.44 3.12 45.63
N VAL D 37 9.91 3.87 46.60
CA VAL D 37 10.06 5.33 46.61
C VAL D 37 10.49 5.75 48.01
N LYS D 38 11.64 6.41 48.13
CA LYS D 38 12.11 6.90 49.41
C LYS D 38 11.66 8.35 49.62
N GLN D 39 10.84 8.56 50.64
CA GLN D 39 10.42 9.90 51.08
C GLN D 39 10.92 10.10 52.50
N SER D 40 11.86 11.03 52.68
CA SER D 40 12.28 11.43 54.02
C SER D 40 11.14 12.20 54.69
N HIS D 41 11.38 12.65 55.93
CA HIS D 41 10.36 13.44 56.61
C HIS D 41 10.08 14.75 55.88
N GLY D 42 11.05 15.25 55.11
CA GLY D 42 10.80 16.38 54.24
C GLY D 42 9.85 16.02 53.10
N LYS D 43 9.52 17.03 52.31
CA LYS D 43 8.59 16.85 51.20
C LYS D 43 9.20 16.10 50.01
N SER D 44 10.51 15.86 50.01
CA SER D 44 11.16 15.31 48.83
C SER D 44 10.69 13.89 48.54
N LEU D 45 10.39 13.62 47.27
CA LEU D 45 10.05 12.29 46.80
C LEU D 45 11.13 11.81 45.83
N GLU D 46 11.66 10.61 46.05
CA GLU D 46 12.77 10.07 45.28
C GLU D 46 12.43 8.69 44.76
N TRP D 47 12.64 8.48 43.45
CA TRP D 47 12.38 7.20 42.80
C TRP D 47 13.60 6.30 42.96
N ILE D 48 13.43 5.15 43.63
CA ILE D 48 14.53 4.23 43.87
C ILE D 48 14.71 3.26 42.69
N GLY D 49 13.67 2.50 42.38
CA GLY D 49 13.76 1.54 41.29
C GLY D 49 12.51 0.69 41.24
N TYR D 50 12.50 -0.23 40.27
CA TYR D 50 11.40 -1.16 40.14
C TYR D 50 11.92 -2.54 39.76
N ILE D 51 11.08 -3.55 39.97
CA ILE D 51 11.40 -4.94 39.71
C ILE D 51 10.16 -5.62 39.16
N ASP D 52 10.30 -6.28 38.02
CA ASP D 52 9.23 -7.04 37.42
C ASP D 52 9.14 -8.40 38.10
N PRO D 53 8.04 -8.69 38.81
CA PRO D 53 7.94 -9.98 39.50
C PRO D 53 7.95 -11.17 38.57
N TYR D 54 7.38 -11.04 37.37
CA TYR D 54 7.40 -12.16 36.43
C TYR D 54 8.79 -12.34 35.83
N ASN D 55 9.45 -11.24 35.46
CA ASN D 55 10.81 -11.34 34.93
C ASN D 55 11.81 -11.68 36.02
N GLY D 56 11.55 -11.25 37.25
CA GLY D 56 12.58 -11.21 38.27
C GLY D 56 13.65 -10.17 38.02
N LEU D 57 13.68 -9.56 36.85
CA LEU D 57 14.67 -8.55 36.51
C LEU D 57 14.38 -7.24 37.23
N THR D 58 15.40 -6.40 37.34
CA THR D 58 15.33 -5.18 38.12
C THR D 58 15.86 -3.99 37.31
N SER D 59 15.51 -2.80 37.77
CA SER D 59 16.05 -1.55 37.23
C SER D 59 16.18 -0.55 38.36
N TYR D 60 17.39 -0.02 38.54
CA TYR D 60 17.72 0.86 39.66
C TYR D 60 18.06 2.27 39.17
N ASN D 61 17.59 3.26 39.91
CA ASN D 61 18.08 4.61 39.76
C ASN D 61 19.60 4.59 39.99
N PRO D 62 20.39 5.24 39.14
CA PRO D 62 21.84 5.29 39.39
C PRO D 62 22.22 5.74 40.79
N LYS D 63 21.39 6.55 41.45
CA LYS D 63 21.71 7.01 42.79
C LYS D 63 21.68 5.86 43.80
N PHE D 64 20.70 4.96 43.68
CA PHE D 64 20.45 3.92 44.68
C PHE D 64 20.91 2.54 44.23
N LYS D 65 21.70 2.44 43.15
CA LYS D 65 22.03 1.13 42.60
C LYS D 65 22.83 0.31 43.60
N GLY D 66 23.84 0.91 44.22
CA GLY D 66 24.60 0.20 45.24
C GLY D 66 23.82 0.03 46.54
N LYS D 67 22.97 0.99 46.89
CA LYS D 67 22.34 1.02 48.20
C LYS D 67 21.20 0.01 48.33
N ALA D 68 20.47 -0.27 47.25
CA ALA D 68 19.24 -1.04 47.34
C ALA D 68 19.36 -2.36 46.57
N THR D 69 18.59 -3.35 47.02
CA THR D 69 18.52 -4.66 46.37
C THR D 69 17.08 -5.15 46.43
N LEU D 70 16.47 -5.37 45.27
CA LEU D 70 15.06 -5.72 45.18
C LEU D 70 14.90 -7.19 44.83
N THR D 71 14.02 -7.89 45.53
CA THR D 71 13.71 -9.28 45.26
C THR D 71 12.19 -9.49 45.35
N VAL D 72 11.75 -10.68 44.93
CA VAL D 72 10.33 -11.03 44.96
C VAL D 72 10.18 -12.53 45.20
N ASP D 73 9.12 -12.89 45.92
CA ASP D 73 8.65 -14.25 46.10
C ASP D 73 7.23 -14.36 45.54
N LYS D 74 7.08 -15.17 44.48
CA LYS D 74 5.78 -15.33 43.85
C LYS D 74 4.81 -16.16 44.68
N SER D 75 5.33 -17.05 45.53
CA SER D 75 4.47 -17.93 46.32
C SER D 75 3.55 -17.13 47.24
N SER D 76 4.14 -16.34 48.14
CA SER D 76 3.39 -15.49 49.05
C SER D 76 3.04 -14.13 48.47
N SER D 77 3.40 -13.88 47.21
CA SER D 77 3.14 -12.61 46.55
C SER D 77 3.71 -11.44 47.34
N THR D 78 5.02 -11.51 47.63
CA THR D 78 5.66 -10.52 48.47
C THR D 78 6.96 -10.04 47.83
N ALA D 79 7.24 -8.74 47.96
CA ALA D 79 8.44 -8.13 47.39
C ALA D 79 9.29 -7.56 48.51
N PHE D 80 10.59 -7.82 48.44
CA PHE D 80 11.52 -7.47 49.51
C PHE D 80 12.51 -6.43 49.03
N MET D 81 12.78 -5.44 49.89
CA MET D 81 13.78 -4.42 49.63
C MET D 81 14.89 -4.54 50.66
N HIS D 82 16.14 -4.52 50.19
CA HIS D 82 17.31 -4.76 51.02
C HIS D 82 18.19 -3.52 51.01
N LEU D 83 18.49 -3.01 52.19
CA LEU D 83 19.33 -1.82 52.35
C LEU D 83 20.56 -2.20 53.17
N ASN D 84 21.74 -1.96 52.60
CA ASN D 84 22.99 -2.32 53.24
C ASN D 84 23.83 -1.07 53.51
N SER D 85 24.60 -1.12 54.60
CA SER D 85 25.48 -0.03 55.01
C SER D 85 24.70 1.27 55.19
N LEU D 86 23.66 1.21 56.02
CA LEU D 86 22.83 2.38 56.26
C LEU D 86 23.64 3.51 56.86
N THR D 87 23.27 4.74 56.49
CA THR D 87 23.99 5.93 56.91
C THR D 87 22.97 6.99 57.35
N SER D 88 23.44 8.23 57.48
CA SER D 88 22.54 9.30 57.90
C SER D 88 21.54 9.64 56.80
N GLU D 89 21.97 9.56 55.53
CA GLU D 89 21.06 9.86 54.43
C GLU D 89 19.96 8.80 54.31
N ASP D 90 20.32 7.54 54.55
CA ASP D 90 19.38 6.45 54.35
C ASP D 90 18.25 6.43 55.37
N SER D 91 18.30 7.29 56.39
CA SER D 91 17.19 7.43 57.33
C SER D 91 16.04 8.15 56.64
N ALA D 92 14.94 7.43 56.42
CA ALA D 92 13.80 7.98 55.69
C ALA D 92 12.67 6.97 55.74
N VAL D 93 11.50 7.38 55.23
CA VAL D 93 10.33 6.52 55.12
C VAL D 93 10.30 5.93 53.72
N TYR D 94 10.05 4.64 53.61
CA TYR D 94 10.12 3.92 52.34
C TYR D 94 8.75 3.41 51.94
N TYR D 95 8.34 3.74 50.72
CA TYR D 95 7.04 3.38 50.19
C TYR D 95 7.19 2.30 49.12
N CYS D 96 6.19 1.42 49.07
CA CYS D 96 6.13 0.29 48.18
C CYS D 96 4.88 0.47 47.33
N ALA D 97 5.04 0.68 46.02
CA ALA D 97 3.95 1.09 45.16
C ALA D 97 3.89 0.27 43.87
N ARG D 98 2.67 -0.08 43.47
CA ARG D 98 2.41 -0.88 42.27
C ARG D 98 2.55 -0.05 41.00
N ASN D 99 2.93 -0.72 39.91
CA ASN D 99 2.99 -0.05 38.61
C ASN D 99 2.64 -1.05 37.51
N TYR D 100 1.95 -0.57 36.47
CA TYR D 100 1.59 -1.40 35.32
C TYR D 100 2.33 -0.92 34.07
N TYR D 101 2.87 -1.87 33.32
CA TYR D 101 3.71 -1.47 32.19
C TYR D 101 2.92 -0.71 31.13
N GLY D 102 1.62 -0.98 31.02
CA GLY D 102 0.82 -0.31 30.00
C GLY D 102 0.66 1.18 30.24
N ARG D 103 0.73 1.60 31.49
CA ARG D 103 0.67 3.01 31.87
C ARG D 103 2.03 3.37 32.47
N SER D 104 2.85 4.07 31.70
CA SER D 104 4.27 4.22 32.02
C SER D 104 4.48 4.75 33.44
N TYR D 105 5.10 3.92 34.27
CA TYR D 105 5.65 4.26 35.59
C TYR D 105 4.79 5.22 36.40
N ALA D 106 3.47 5.12 36.24
CA ALA D 106 2.53 5.79 37.12
C ALA D 106 2.07 4.77 38.14
N MET D 107 2.04 5.18 39.41
CA MET D 107 1.76 4.29 40.53
C MET D 107 0.38 4.60 41.07
N ASP D 108 -0.52 3.61 40.99
CA ASP D 108 -1.91 3.79 41.36
C ASP D 108 -2.22 3.45 42.83
N TYR D 109 -1.64 2.38 43.35
CA TYR D 109 -1.89 1.93 44.72
C TYR D 109 -0.56 1.91 45.47
N TRP D 110 -0.50 2.65 46.57
CA TRP D 110 0.73 2.82 47.35
C TRP D 110 0.63 2.02 48.64
N GLY D 111 1.76 1.48 49.08
CA GLY D 111 1.83 0.78 50.34
C GLY D 111 1.71 1.71 51.52
N GLN D 112 1.76 1.11 52.71
CA GLN D 112 1.63 1.88 53.95
C GLN D 112 2.89 2.66 54.29
N GLY D 113 4.05 2.17 53.88
CA GLY D 113 5.31 2.83 54.21
C GLY D 113 5.95 2.26 55.46
N THR D 114 7.27 2.27 55.47
CA THR D 114 8.07 1.77 56.59
C THR D 114 9.15 2.79 56.91
N SER D 115 9.17 3.26 58.16
CA SER D 115 10.12 4.28 58.59
C SER D 115 11.41 3.63 59.04
N VAL D 116 12.50 3.90 58.33
CA VAL D 116 13.83 3.42 58.68
C VAL D 116 14.57 4.57 59.33
N THR D 117 14.89 4.41 60.62
CA THR D 117 15.51 5.43 61.44
C THR D 117 16.88 4.97 61.91
N VAL D 118 17.87 5.86 61.82
CA VAL D 118 19.22 5.57 62.32
C VAL D 118 19.59 6.57 63.42
N ASP E 1 19.42 14.35 34.45
CA ASP E 1 18.05 13.95 34.17
C ASP E 1 17.10 15.15 34.26
N ILE E 2 15.81 14.88 34.10
CA ILE E 2 14.80 15.94 34.09
C ILE E 2 14.53 16.40 35.52
N VAL E 3 14.32 17.70 35.69
CA VAL E 3 14.02 18.30 36.99
C VAL E 3 12.63 18.92 36.93
N MET E 4 11.82 18.66 37.95
CA MET E 4 10.48 19.19 38.06
C MET E 4 10.45 20.30 39.10
N THR E 5 9.90 21.45 38.71
CA THR E 5 9.77 22.59 39.62
C THR E 5 8.31 22.98 39.73
N GLN E 6 7.84 23.18 40.96
CA GLN E 6 6.47 23.58 41.23
C GLN E 6 6.45 25.03 41.69
N ALA E 7 5.40 25.75 41.28
CA ALA E 7 5.40 27.21 41.43
C ALA E 7 5.49 27.63 42.89
N ALA E 8 4.63 27.07 43.73
CA ALA E 8 4.51 27.49 45.13
C ALA E 8 4.74 26.30 46.05
N SER E 9 5.58 26.50 47.07
CA SER E 9 5.68 25.50 48.14
C SER E 9 4.36 25.37 48.88
N SER E 10 3.67 26.48 49.08
CA SER E 10 2.33 26.48 49.65
C SER E 10 1.61 27.76 49.22
N LEU E 11 0.32 27.65 48.96
CA LEU E 11 -0.51 28.81 48.67
C LEU E 11 -1.84 28.64 49.39
N ALA E 12 -2.36 29.74 49.91
CA ALA E 12 -3.55 29.73 50.76
C ALA E 12 -4.74 30.27 50.00
N VAL E 13 -5.84 29.50 50.00
CA VAL E 13 -7.11 29.91 49.42
C VAL E 13 -8.21 29.54 50.38
N SER E 14 -9.35 30.20 50.25
CA SER E 14 -10.48 29.96 51.14
C SER E 14 -11.29 28.75 50.69
N VAL E 15 -11.97 28.13 51.66
CA VAL E 15 -12.76 26.94 51.39
C VAL E 15 -13.89 27.27 50.42
N GLY E 16 -14.09 26.39 49.44
CA GLY E 16 -15.07 26.59 48.40
C GLY E 16 -14.56 27.29 47.17
N GLU E 17 -13.44 28.03 47.29
CA GLU E 17 -12.89 28.76 46.16
C GLU E 17 -12.10 27.82 45.25
N LYS E 18 -12.00 28.23 43.98
CA LYS E 18 -11.30 27.44 42.98
C LYS E 18 -9.82 27.77 43.03
N VAL E 19 -8.97 26.74 43.04
CA VAL E 19 -7.54 26.93 43.24
C VAL E 19 -6.77 26.28 42.12
N THR E 20 -5.61 26.86 41.79
CA THR E 20 -4.78 26.43 40.66
C THR E 20 -3.32 26.35 41.09
N MET E 21 -2.69 25.20 40.82
CA MET E 21 -1.28 24.96 41.08
C MET E 21 -0.57 24.65 39.77
N SER E 22 0.73 24.94 39.72
CA SER E 22 1.51 24.76 38.50
C SER E 22 2.69 23.80 38.72
N CYS E 23 3.02 23.07 37.65
CA CYS E 23 4.18 22.18 37.62
C CYS E 23 4.86 22.34 36.26
N LYS E 24 6.11 22.79 36.25
CA LYS E 24 6.87 22.96 35.02
C LYS E 24 8.11 22.07 35.03
N SER E 25 8.53 21.67 33.83
CA SER E 25 9.60 20.70 33.62
C SER E 25 10.75 21.31 32.83
N SER E 26 11.95 20.75 33.03
CA SER E 26 13.12 21.24 32.32
C SER E 26 13.12 20.78 30.86
N GLN E 27 12.71 19.54 30.60
CA GLN E 27 12.73 18.95 29.27
C GLN E 27 11.32 18.52 28.89
N SER E 28 11.04 18.50 27.58
CA SER E 28 9.71 18.17 27.08
C SER E 28 9.29 16.76 27.49
N LEU E 29 8.07 16.66 28.03
CA LEU E 29 7.48 15.40 28.47
C LEU E 29 6.50 14.83 27.46
N LEU E 30 6.47 15.35 26.25
CA LEU E 30 5.50 14.96 25.23
C LEU E 30 6.16 14.02 24.23
N TYR E 31 5.62 12.80 24.12
CA TYR E 31 6.06 11.85 23.11
C TYR E 31 5.16 11.98 21.90
N SER E 32 5.74 12.39 20.76
CA SER E 32 4.95 12.76 19.60
C SER E 32 4.33 11.55 18.89
N SER E 33 4.93 10.37 19.03
CA SER E 33 4.40 9.19 18.33
C SER E 33 3.02 8.82 18.85
N ASN E 34 2.82 8.86 20.17
CA ASN E 34 1.53 8.58 20.79
C ASN E 34 0.80 9.84 21.25
N GLN E 35 1.44 11.00 21.17
CA GLN E 35 0.83 12.28 21.54
C GLN E 35 0.29 12.26 22.97
N LYS E 36 1.08 11.72 23.88
CA LYS E 36 0.72 11.62 25.28
C LYS E 36 1.80 12.27 26.13
N ASN E 37 1.40 13.21 26.99
CA ASN E 37 2.34 13.82 27.92
C ASN E 37 2.58 12.89 29.10
N TYR E 38 3.84 12.58 29.36
CA TYR E 38 4.22 11.66 30.44
C TYR E 38 4.34 12.44 31.73
N LEU E 39 3.22 12.58 32.44
CA LEU E 39 3.11 13.47 33.59
C LEU E 39 1.97 12.99 34.46
N ALA E 40 2.12 13.20 35.78
CA ALA E 40 1.14 12.68 36.73
C ALA E 40 1.07 13.62 37.94
N TRP E 41 -0.08 13.56 38.63
CA TRP E 41 -0.34 14.35 39.81
C TRP E 41 -0.76 13.43 40.95
N TYR E 42 -0.12 13.60 42.11
CA TYR E 42 -0.35 12.81 43.31
C TYR E 42 -0.85 13.70 44.44
N GLN E 43 -1.67 13.12 45.31
CA GLN E 43 -2.13 13.75 46.54
C GLN E 43 -1.65 12.92 47.73
N GLN E 44 -0.94 13.55 48.65
CA GLN E 44 -0.46 12.89 49.86
C GLN E 44 -1.04 13.62 51.07
N LYS E 45 -2.04 13.01 51.70
CA LYS E 45 -2.65 13.61 52.89
C LYS E 45 -1.66 13.55 54.06
N PRO E 46 -1.89 14.35 55.11
CA PRO E 46 -0.93 14.41 56.21
C PRO E 46 -0.69 13.04 56.84
N GLY E 47 0.58 12.66 56.92
CA GLY E 47 0.95 11.42 57.58
C GLY E 47 0.42 10.17 56.92
N GLN E 48 0.17 10.22 55.62
CA GLN E 48 -0.41 9.10 54.88
C GLN E 48 0.42 8.87 53.62
N SER E 49 0.07 7.84 52.86
CA SER E 49 0.75 7.57 51.61
C SER E 49 0.19 8.43 50.49
N PRO E 50 1.02 8.81 49.51
CA PRO E 50 0.50 9.55 48.35
C PRO E 50 -0.45 8.70 47.53
N LYS E 51 -1.62 9.25 47.22
CA LYS E 51 -2.59 8.59 46.36
C LYS E 51 -2.56 9.20 44.97
N LEU E 52 -2.66 8.36 43.94
CA LEU E 52 -2.59 8.83 42.57
C LEU E 52 -3.86 9.57 42.18
N LEU E 53 -3.69 10.80 41.70
CA LEU E 53 -4.81 11.60 41.22
C LEU E 53 -4.95 11.53 39.70
N ILE E 54 -3.92 11.95 38.97
CA ILE E 54 -4.02 12.09 37.52
C ILE E 54 -2.81 11.45 36.86
N TYR E 55 -3.05 10.75 35.75
CA TYR E 55 -1.98 10.23 34.90
C TYR E 55 -2.19 10.73 33.48
N TRP E 56 -1.08 10.81 32.73
CA TRP E 56 -1.00 11.34 31.37
C TRP E 56 -1.26 12.84 31.32
N ALA E 57 -1.33 13.51 32.46
CA ALA E 57 -1.59 14.94 32.67
C ALA E 57 -3.06 15.28 32.50
N SER E 58 -3.91 14.37 32.02
CA SER E 58 -5.32 14.67 31.83
C SER E 58 -6.22 13.63 32.48
N THR E 59 -6.03 12.36 32.12
CA THR E 59 -6.85 11.28 32.64
C THR E 59 -6.69 11.13 34.15
N ARG E 60 -7.81 10.92 34.85
CA ARG E 60 -7.79 10.75 36.30
C ARG E 60 -8.08 9.30 36.66
N GLU E 61 -7.43 8.82 37.71
CA GLU E 61 -7.64 7.46 38.17
C GLU E 61 -9.05 7.32 38.74
N SER E 62 -9.55 6.09 38.76
CA SER E 62 -10.85 5.82 39.35
C SER E 62 -10.85 6.15 40.83
N GLY E 63 -11.98 6.65 41.32
CA GLY E 63 -12.11 7.06 42.70
C GLY E 63 -11.73 8.50 42.96
N VAL E 64 -11.30 9.23 41.95
CA VAL E 64 -10.94 10.65 42.10
C VAL E 64 -12.16 11.49 41.74
N PRO E 65 -12.57 12.41 42.62
CA PRO E 65 -13.78 13.20 42.37
C PRO E 65 -13.68 14.04 41.10
N ASP E 66 -14.84 14.49 40.63
CA ASP E 66 -14.91 15.33 39.43
C ASP E 66 -14.20 16.66 39.61
N ARG E 67 -13.97 17.09 40.85
CA ARG E 67 -13.34 18.40 41.08
C ARG E 67 -11.95 18.47 40.45
N PHE E 68 -11.14 17.42 40.61
CA PHE E 68 -9.75 17.48 40.18
C PHE E 68 -9.64 17.46 38.67
N THR E 69 -8.91 18.43 38.11
CA THR E 69 -8.64 18.52 36.68
C THR E 69 -7.15 18.78 36.46
N GLY E 70 -6.63 18.25 35.36
CA GLY E 70 -5.25 18.48 35.01
C GLY E 70 -5.11 18.83 33.53
N SER E 71 -4.15 19.71 33.24
CA SER E 71 -3.97 20.14 31.85
C SER E 71 -2.55 20.61 31.65
N GLY E 72 -2.11 20.62 30.41
CA GLY E 72 -0.79 21.11 30.08
C GLY E 72 -0.21 20.31 28.93
N SER E 73 0.96 20.76 28.49
CA SER E 73 1.67 20.12 27.39
C SER E 73 3.12 20.59 27.39
N GLY E 74 3.94 19.89 26.62
CA GLY E 74 5.35 20.20 26.54
C GLY E 74 6.02 20.12 27.90
N THR E 75 6.38 21.27 28.45
CA THR E 75 6.96 21.34 29.78
C THR E 75 6.05 22.00 30.81
N ASP E 76 4.93 22.58 30.40
CA ASP E 76 4.10 23.41 31.28
C ASP E 76 2.80 22.69 31.59
N PHE E 77 2.57 22.42 32.87
CA PHE E 77 1.39 21.73 33.35
C PHE E 77 0.78 22.48 34.53
N THR E 78 -0.52 22.28 34.72
CA THR E 78 -1.28 22.91 35.79
C THR E 78 -2.33 21.93 36.29
N LEU E 79 -2.48 21.89 37.61
CA LEU E 79 -3.52 21.15 38.30
C LEU E 79 -4.54 22.13 38.87
N THR E 80 -5.82 21.80 38.73
CA THR E 80 -6.89 22.70 39.10
C THR E 80 -7.89 21.96 39.98
N ILE E 81 -8.21 22.56 41.13
CA ILE E 81 -9.18 22.01 42.07
C ILE E 81 -10.39 22.93 42.10
N SER E 82 -11.57 22.36 41.79
CA SER E 82 -12.79 23.11 41.50
C SER E 82 -13.36 23.81 42.72
N SER E 83 -13.84 23.05 43.69
CA SER E 83 -14.36 23.61 44.94
C SER E 83 -13.62 22.95 46.09
N VAL E 84 -12.72 23.71 46.73
CA VAL E 84 -11.89 23.14 47.79
C VAL E 84 -12.77 22.69 48.94
N LYS E 85 -12.43 21.54 49.51
CA LYS E 85 -13.09 21.01 50.69
C LYS E 85 -12.08 20.92 51.83
N ALA E 86 -12.60 20.74 53.05
CA ALA E 86 -11.74 20.66 54.22
C ALA E 86 -10.75 19.50 54.09
N GLU E 87 -11.20 18.38 53.53
CA GLU E 87 -10.36 17.21 53.37
C GLU E 87 -9.37 17.34 52.22
N ASP E 88 -9.48 18.38 51.39
CA ASP E 88 -8.49 18.59 50.33
C ASP E 88 -7.12 18.94 50.89
N LEU E 89 -7.05 19.34 52.17
CA LEU E 89 -5.78 19.65 52.81
C LEU E 89 -4.80 18.48 52.68
N ALA E 90 -3.70 18.72 51.97
CA ALA E 90 -2.75 17.66 51.62
C ALA E 90 -1.54 18.30 50.94
N VAL E 91 -0.63 17.45 50.47
CA VAL E 91 0.55 17.87 49.72
C VAL E 91 0.42 17.30 48.31
N TYR E 92 0.44 18.17 47.30
CA TYR E 92 0.24 17.77 45.92
C TYR E 92 1.59 17.72 45.19
N TYR E 93 1.87 16.57 44.57
CA TYR E 93 3.12 16.36 43.84
C TYR E 93 2.84 16.13 42.36
N CYS E 94 3.87 16.34 41.55
CA CYS E 94 3.82 16.02 40.13
C CYS E 94 5.02 15.17 39.77
N GLN E 95 4.84 14.27 38.80
CA GLN E 95 5.87 13.30 38.43
C GLN E 95 5.99 13.22 36.92
N GLN E 96 7.23 13.19 36.42
CA GLN E 96 7.47 12.88 35.02
C GLN E 96 7.99 11.44 34.90
N TYR E 97 7.35 10.65 34.06
CA TYR E 97 7.84 9.33 33.72
C TYR E 97 8.32 9.26 32.26
N TYR E 98 8.74 10.40 31.72
CA TYR E 98 9.30 10.48 30.38
C TYR E 98 10.71 9.90 30.34
N SER E 99 11.65 10.58 30.97
CA SER E 99 13.05 10.17 30.96
C SER E 99 13.39 9.33 32.18
N PHE E 100 14.61 8.77 32.16
CA PHE E 100 15.11 7.96 33.25
C PHE E 100 16.04 8.77 34.17
N PRO E 101 15.77 8.76 35.49
CA PRO E 101 14.64 8.12 36.16
C PRO E 101 13.45 9.07 36.33
N PRO E 102 12.31 8.56 36.79
CA PRO E 102 11.19 9.45 37.12
C PRO E 102 11.57 10.39 38.27
N THR E 103 11.27 11.66 38.09
CA THR E 103 11.56 12.68 39.09
C THR E 103 10.28 13.40 39.50
N PHE E 104 10.28 13.93 40.72
CA PHE E 104 9.11 14.55 41.30
C PHE E 104 9.39 16.01 41.63
N GLY E 105 8.32 16.77 41.82
CA GLY E 105 8.44 18.15 42.26
C GLY E 105 8.59 18.26 43.76
N GLY E 106 8.84 19.50 44.21
CA GLY E 106 8.93 19.76 45.63
C GLY E 106 7.62 19.58 46.38
N GLY E 107 6.50 19.61 45.68
CA GLY E 107 5.20 19.50 46.31
C GLY E 107 4.58 20.85 46.60
N THR E 108 3.25 20.90 46.53
CA THR E 108 2.49 22.12 46.77
C THR E 108 1.40 21.84 47.81
N LYS E 109 1.46 22.55 48.92
CA LYS E 109 0.54 22.37 50.03
C LYS E 109 -0.71 23.24 49.85
N LEU E 110 -1.88 22.60 49.89
CA LEU E 110 -3.15 23.32 49.88
C LEU E 110 -3.47 23.81 51.28
N GLU E 111 -3.52 25.13 51.46
CA GLU E 111 -3.96 25.75 52.70
C GLU E 111 -5.39 26.27 52.55
N ILE E 112 -6.18 26.14 53.61
CA ILE E 112 -7.61 26.45 53.55
C ILE E 112 -7.92 27.69 54.37
N LYS E 113 -9.21 27.94 54.61
CA LYS E 113 -9.65 29.00 55.51
C LYS E 113 -10.06 28.41 56.85
N THR F 3 23.05 -26.59 -5.01
CA THR F 3 22.33 -26.05 -3.87
C THR F 3 21.84 -24.64 -4.15
N SER F 4 22.35 -24.04 -5.22
CA SER F 4 21.97 -22.68 -5.55
C SER F 4 20.52 -22.63 -6.00
N ILE F 5 19.82 -21.56 -5.62
CA ILE F 5 18.39 -21.45 -5.85
C ILE F 5 18.18 -20.67 -7.15
N ASN F 6 17.33 -21.20 -8.02
CA ASN F 6 16.97 -20.53 -9.27
C ASN F 6 15.62 -19.85 -9.07
N CYS F 7 15.61 -18.52 -9.14
CA CYS F 7 14.36 -17.80 -8.93
C CYS F 7 13.43 -17.91 -10.12
N LYS F 8 13.95 -18.18 -11.31
CA LYS F 8 13.10 -18.40 -12.48
C LYS F 8 12.44 -19.77 -12.44
N ASN F 9 13.11 -20.76 -11.87
CA ASN F 9 12.55 -22.08 -11.65
C ASN F 9 12.76 -22.47 -10.20
N ILE F 10 11.69 -22.44 -9.39
CA ILE F 10 11.82 -22.78 -7.99
C ILE F 10 11.15 -24.14 -7.79
N GLN F 11 11.95 -25.09 -7.31
CA GLN F 11 11.48 -26.45 -7.11
C GLN F 11 10.58 -26.54 -5.89
N SER F 12 9.67 -27.52 -5.92
CA SER F 12 8.65 -27.64 -4.89
C SER F 12 9.23 -27.68 -3.48
N THR F 13 10.34 -28.39 -3.30
CA THR F 13 10.97 -28.48 -2.00
C THR F 13 11.56 -27.16 -1.51
N GLN F 14 11.73 -26.16 -2.37
CA GLN F 14 12.37 -24.91 -2.02
C GLN F 14 11.42 -23.86 -1.43
N LEU F 15 10.17 -24.22 -1.14
CA LEU F 15 9.16 -23.23 -0.73
C LEU F 15 9.14 -23.05 0.79
N THR F 16 10.19 -22.40 1.31
CA THR F 16 10.27 -22.03 2.72
C THR F 16 10.76 -20.59 2.81
N ILE F 17 10.50 -19.96 3.96
CA ILE F 17 10.88 -18.56 4.14
C ILE F 17 12.38 -18.42 3.96
N GLU F 18 13.14 -19.37 4.48
CA GLU F 18 14.58 -19.32 4.34
C GLU F 18 15.01 -19.30 2.88
N HIS F 19 14.50 -20.25 2.08
CA HIS F 19 14.91 -20.31 0.68
C HIS F 19 14.34 -19.14 -0.11
N LEU F 20 13.04 -18.89 0.02
CA LEU F 20 12.38 -17.81 -0.71
C LEU F 20 13.02 -16.47 -0.40
N SER F 21 13.56 -16.31 0.80
CA SER F 21 14.20 -15.06 1.18
C SER F 21 15.32 -14.70 0.22
N LYS F 22 16.04 -15.70 -0.29
CA LYS F 22 17.16 -15.45 -1.18
C LYS F 22 16.73 -14.82 -2.50
N CYS F 23 15.48 -15.00 -2.90
CA CYS F 23 14.98 -14.50 -4.17
C CYS F 23 14.37 -13.09 -4.06
N MET F 24 14.60 -12.41 -2.95
CA MET F 24 14.19 -11.01 -2.85
C MET F 24 14.97 -10.16 -3.85
N ALA F 25 14.35 -9.06 -4.29
CA ALA F 25 14.91 -8.28 -5.37
C ALA F 25 16.19 -7.57 -4.94
N PHE F 26 16.20 -6.98 -3.74
CA PHE F 26 17.40 -6.29 -3.27
C PHE F 26 18.56 -7.26 -3.10
N TYR F 27 18.27 -8.51 -2.75
CA TYR F 27 19.32 -9.51 -2.57
C TYR F 27 20.06 -9.81 -3.87
N GLN F 28 19.49 -9.45 -5.02
CA GLN F 28 20.14 -9.73 -6.30
C GLN F 28 21.29 -8.80 -6.60
N ASN F 29 21.45 -7.71 -5.84
CA ASN F 29 22.63 -6.83 -5.93
C ASN F 29 22.74 -6.14 -7.29
N LYS F 30 21.59 -5.86 -7.92
CA LYS F 30 21.53 -5.13 -9.18
C LYS F 30 21.08 -3.72 -8.84
N THR F 31 22.04 -2.81 -8.71
CA THR F 31 21.78 -1.40 -8.43
C THR F 31 21.91 -0.54 -9.68
N SER F 32 22.22 -1.16 -10.82
CA SER F 32 22.68 -0.46 -12.01
C SER F 32 22.37 -1.34 -13.21
N SER F 33 22.59 -0.78 -14.40
CA SER F 33 22.45 -1.52 -15.66
C SER F 33 21.07 -2.17 -15.80
N PRO F 34 19.99 -1.37 -15.81
CA PRO F 34 18.66 -1.92 -16.03
C PRO F 34 18.52 -2.56 -17.40
N VAL F 35 17.62 -3.53 -17.49
CA VAL F 35 17.53 -4.46 -18.60
C VAL F 35 16.15 -4.31 -19.23
N VAL F 36 16.10 -4.41 -20.56
CA VAL F 36 14.81 -4.39 -21.27
C VAL F 36 14.06 -5.67 -20.98
N ILE F 37 12.73 -5.54 -20.81
CA ILE F 37 11.91 -6.68 -20.40
C ILE F 37 12.06 -7.85 -21.36
N ASN F 38 12.26 -7.59 -22.65
CA ASN F 38 12.40 -8.66 -23.63
C ASN F 38 13.63 -9.52 -23.31
N GLU F 39 14.75 -8.87 -22.95
CA GLU F 39 15.94 -9.61 -22.57
C GLU F 39 15.77 -10.33 -21.23
N ILE F 40 15.04 -9.72 -20.28
CA ILE F 40 14.86 -10.33 -18.96
C ILE F 40 14.19 -11.68 -19.07
N ILE F 41 13.17 -11.78 -19.93
CA ILE F 41 12.42 -13.01 -20.12
C ILE F 41 12.93 -13.81 -21.30
N SER F 42 14.12 -13.47 -21.82
CA SER F 42 14.62 -14.13 -23.02
C SER F 42 14.80 -15.64 -22.84
N ASP F 43 15.03 -16.10 -21.61
CA ASP F 43 15.15 -17.54 -21.33
C ASP F 43 13.85 -18.03 -20.69
N ALA F 44 12.83 -18.17 -21.53
CA ALA F 44 11.54 -18.66 -21.07
C ALA F 44 10.75 -19.15 -22.28
N SER F 45 9.72 -19.93 -22.00
CA SER F 45 8.86 -20.45 -23.06
C SER F 45 8.24 -19.30 -23.83
N VAL F 46 8.06 -19.52 -25.14
CA VAL F 46 7.45 -18.50 -26.00
C VAL F 46 6.08 -18.11 -25.44
N ASP F 47 5.37 -19.08 -24.88
CA ASP F 47 4.04 -18.83 -24.32
C ASP F 47 4.12 -17.88 -23.14
N GLU F 48 4.96 -18.21 -22.15
CA GLU F 48 5.12 -17.34 -20.99
C GLU F 48 5.67 -15.97 -21.39
N GLN F 49 6.52 -15.93 -22.40
CA GLN F 49 7.03 -14.65 -22.89
C GLN F 49 5.89 -13.79 -23.43
N GLU F 50 5.02 -14.38 -24.25
CA GLU F 50 3.89 -13.61 -24.77
C GLU F 50 2.92 -13.21 -23.66
N LEU F 51 2.80 -14.02 -22.60
CA LEU F 51 1.94 -13.64 -21.49
C LEU F 51 2.51 -12.45 -20.70
N ILE F 52 3.77 -12.57 -20.27
CA ILE F 52 4.41 -11.50 -19.50
C ILE F 52 4.47 -10.22 -20.33
N LYS F 53 4.80 -10.35 -21.62
CA LYS F 53 4.74 -9.18 -22.50
C LYS F 53 3.33 -8.62 -22.53
N SER F 54 2.33 -9.50 -22.54
CA SER F 54 0.94 -9.06 -22.53
C SER F 54 0.60 -8.27 -21.28
N LEU F 55 1.26 -8.56 -20.16
CA LEU F 55 0.95 -7.89 -18.90
C LEU F 55 1.21 -6.39 -18.97
N ASN F 56 2.18 -5.97 -19.79
CA ASN F 56 2.61 -4.56 -19.87
C ASN F 56 3.14 -4.09 -18.51
N LEU F 57 4.18 -4.77 -18.04
CA LEU F 57 4.77 -4.50 -16.74
C LEU F 57 5.69 -3.29 -16.79
N ASN F 58 5.67 -2.49 -15.72
CA ASN F 58 6.62 -1.38 -15.57
C ASN F 58 6.93 -1.22 -14.09
N CYS F 59 7.93 -0.38 -13.81
CA CYS F 59 8.43 -0.26 -12.44
C CYS F 59 7.38 0.20 -11.44
N ASN F 60 6.29 0.82 -11.89
CA ASN F 60 5.29 1.32 -10.95
C ASN F 60 4.28 0.25 -10.56
N VAL F 61 3.79 -0.54 -11.52
CA VAL F 61 2.73 -1.49 -11.26
C VAL F 61 3.24 -2.90 -11.02
N ILE F 62 4.54 -3.15 -11.18
CA ILE F 62 5.04 -4.52 -11.08
C ILE F 62 4.82 -5.07 -9.68
N ASP F 63 5.03 -4.23 -8.65
CA ASP F 63 4.77 -4.68 -7.29
C ASP F 63 3.30 -5.00 -7.08
N ARG F 64 2.41 -4.21 -7.68
CA ARG F 64 0.99 -4.52 -7.59
C ARG F 64 0.69 -5.88 -8.21
N PHE F 65 1.28 -6.17 -9.36
CA PHE F 65 1.11 -7.49 -9.97
C PHE F 65 1.64 -8.60 -9.07
N ILE F 66 2.77 -8.35 -8.41
CA ILE F 66 3.29 -9.36 -7.49
C ILE F 66 2.31 -9.59 -6.35
N SER F 67 1.72 -8.52 -5.82
CA SER F 67 0.77 -8.68 -4.71
C SER F 67 -0.51 -9.38 -5.16
N GLU F 68 -0.92 -9.22 -6.42
CA GLU F 68 -2.16 -9.86 -6.88
C GLU F 68 -1.98 -11.34 -7.14
N SER F 69 -0.82 -11.76 -7.65
CA SER F 69 -0.65 -13.15 -8.07
C SER F 69 -0.77 -14.10 -6.88
N SER F 70 -1.49 -15.20 -7.09
CA SER F 70 -1.69 -16.22 -6.07
C SER F 70 -0.72 -17.40 -6.21
N VAL F 71 0.11 -17.40 -7.23
CA VAL F 71 1.10 -18.45 -7.46
C VAL F 71 2.44 -17.97 -6.91
N ILE F 72 2.95 -18.65 -5.88
CA ILE F 72 4.16 -18.18 -5.22
C ILE F 72 5.36 -18.24 -6.17
N GLU F 73 5.41 -19.26 -7.05
CA GLU F 73 6.50 -19.34 -8.02
C GLU F 73 6.47 -18.17 -8.99
N THR F 74 5.26 -17.81 -9.43
CA THR F 74 5.11 -16.64 -10.32
C THR F 74 5.48 -15.37 -9.59
N GLN F 75 5.11 -15.25 -8.31
CA GLN F 75 5.51 -14.10 -7.52
C GLN F 75 7.03 -13.97 -7.49
N VAL F 76 7.73 -15.08 -7.23
CA VAL F 76 9.19 -15.05 -7.22
C VAL F 76 9.73 -14.62 -8.57
N TYR F 77 9.16 -15.16 -9.66
CA TYR F 77 9.65 -14.79 -10.99
C TYR F 77 9.47 -13.29 -11.25
N TYR F 78 8.26 -12.77 -11.02
CA TYR F 78 8.05 -11.33 -11.21
C TYR F 78 8.99 -10.51 -10.34
N GLU F 79 9.33 -10.98 -9.13
CA GLU F 79 10.29 -10.25 -8.32
C GLU F 79 11.68 -10.25 -8.96
N TYR F 80 12.09 -11.38 -9.54
CA TYR F 80 13.36 -11.38 -10.26
C TYR F 80 13.32 -10.41 -11.43
N ILE F 81 12.21 -10.42 -12.17
CA ILE F 81 12.02 -9.44 -13.24
C ILE F 81 12.13 -8.04 -12.67
N LYS F 82 11.62 -7.85 -11.45
CA LYS F 82 11.72 -6.55 -10.79
C LYS F 82 13.16 -6.16 -10.54
N SER F 83 13.99 -7.12 -10.11
CA SER F 83 15.39 -6.79 -9.86
C SER F 83 16.10 -6.41 -11.15
N GLN F 84 15.78 -7.08 -12.25
CA GLN F 84 16.47 -6.75 -13.49
C GLN F 84 15.92 -5.48 -14.15
N LEU F 85 14.61 -5.24 -14.04
CA LEU F 85 13.96 -4.12 -14.71
C LEU F 85 14.14 -2.80 -13.95
N CYS F 86 14.11 -2.84 -12.61
CA CYS F 86 14.06 -1.64 -11.78
C CYS F 86 15.19 -1.65 -10.76
N PRO F 87 16.44 -1.56 -11.20
CA PRO F 87 17.55 -1.69 -10.25
C PRO F 87 17.64 -0.54 -9.25
N LEU F 88 17.61 0.69 -9.75
CA LEU F 88 17.74 1.84 -8.86
C LEU F 88 16.47 2.01 -8.04
N GLN F 89 15.31 1.74 -8.63
CA GLN F 89 14.06 1.81 -7.87
C GLN F 89 14.07 0.82 -6.71
N VAL F 90 14.64 -0.37 -6.91
CA VAL F 90 14.72 -1.35 -5.83
C VAL F 90 15.64 -0.83 -4.72
N HIS F 91 16.80 -0.28 -5.09
CA HIS F 91 17.77 0.11 -4.06
C HIS F 91 17.62 1.55 -3.59
N ASP F 92 16.53 2.24 -3.93
CA ASP F 92 16.37 3.63 -3.52
C ASP F 92 16.23 3.79 -2.01
N ILE F 93 15.81 2.75 -1.29
CA ILE F 93 15.53 2.91 0.14
C ILE F 93 16.81 3.08 0.94
N PHE F 94 17.93 2.55 0.45
CA PHE F 94 19.19 2.60 1.19
C PHE F 94 19.89 3.94 1.07
N THR F 95 19.49 4.81 0.14
CA THR F 95 20.09 6.12 0.03
C THR F 95 19.63 7.00 1.19
N ILE F 96 20.58 7.71 1.81
CA ILE F 96 20.33 8.30 3.12
C ILE F 96 19.18 9.29 3.08
N ASN F 97 19.04 10.04 1.98
CA ASN F 97 17.88 10.90 1.78
C ASN F 97 17.25 10.53 0.45
N SER F 98 16.03 10.00 0.50
CA SER F 98 15.32 9.54 -0.68
C SER F 98 13.84 9.76 -0.47
N ALA F 99 13.07 9.72 -1.56
CA ALA F 99 11.62 9.76 -1.41
C ALA F 99 11.14 8.57 -0.60
N SER F 100 11.59 7.37 -0.97
CA SER F 100 11.24 6.17 -0.22
C SER F 100 11.73 6.23 1.22
N ASN F 101 12.96 6.71 1.42
CA ASN F 101 13.49 6.80 2.78
C ASN F 101 12.70 7.81 3.60
N ILE F 102 12.24 8.91 2.98
CA ILE F 102 11.44 9.90 3.71
C ILE F 102 10.10 9.31 4.12
N GLN F 103 9.40 8.66 3.18
CA GLN F 103 8.14 8.01 3.52
C GLN F 103 8.34 6.99 4.63
N TRP F 104 9.39 6.18 4.51
CA TRP F 104 9.68 5.17 5.53
C TRP F 104 9.92 5.82 6.88
N LYS F 105 10.60 6.98 6.89
CA LYS F 105 10.83 7.71 8.14
C LYS F 105 9.51 8.13 8.78
N ALA F 106 8.59 8.67 7.96
CA ALA F 106 7.28 9.05 8.49
C ALA F 106 6.56 7.86 9.09
N LEU F 107 6.56 6.72 8.37
CA LEU F 107 5.94 5.52 8.92
C LEU F 107 6.60 5.11 10.23
N ALA F 108 7.93 5.20 10.31
CA ALA F 108 8.62 4.78 11.52
C ALA F 108 8.23 5.63 12.71
N ARG F 109 8.19 6.96 12.53
CA ARG F 109 7.83 7.81 13.66
C ARG F 109 6.34 7.75 13.99
N SER F 110 5.51 7.28 13.05
CA SER F 110 4.07 7.22 13.31
C SER F 110 3.69 6.04 14.20
N PHE F 111 4.42 4.92 14.11
CA PHE F 111 4.14 3.78 14.96
C PHE F 111 4.76 3.95 16.33
N THR F 112 4.02 3.52 17.36
CA THR F 112 4.46 3.60 18.75
C THR F 112 4.66 2.18 19.26
N LEU F 113 5.91 1.81 19.54
CA LEU F 113 6.20 0.50 20.08
C LEU F 113 5.77 0.42 21.53
N GLY F 114 5.42 -0.79 21.97
CA GLY F 114 4.94 -0.96 23.35
C GLY F 114 5.98 -0.57 24.37
N VAL F 115 7.22 -1.06 24.20
CA VAL F 115 8.29 -0.67 25.10
C VAL F 115 8.56 0.82 24.97
N CYS F 116 8.36 1.39 23.79
CA CYS F 116 8.46 2.83 23.63
C CYS F 116 7.37 3.56 24.39
N ASN F 117 6.13 3.06 24.33
CA ASN F 117 5.07 3.69 25.10
C ASN F 117 5.39 3.66 26.58
N THR F 118 5.99 2.56 27.06
CA THR F 118 6.36 2.49 28.47
C THR F 118 7.54 3.39 28.79
N ASN F 119 8.57 3.40 27.92
CA ASN F 119 9.81 4.12 28.18
C ASN F 119 10.20 4.93 26.96
N PRO F 120 9.57 6.08 26.73
CA PRO F 120 9.89 6.87 25.53
C PRO F 120 11.32 7.40 25.53
N HIS F 121 12.01 7.39 26.67
CA HIS F 121 13.40 7.84 26.73
C HIS F 121 14.37 6.86 26.06
N LYS F 122 13.93 5.64 25.76
CA LYS F 122 14.86 4.64 25.26
C LYS F 122 15.46 5.03 23.92
N HIS F 123 16.66 4.51 23.65
CA HIS F 123 17.41 4.93 22.48
C HIS F 123 16.71 4.56 21.19
N ILE F 124 16.09 3.37 21.15
CA ILE F 124 15.39 2.94 19.93
C ILE F 124 14.22 3.87 19.62
N CYS F 125 13.46 4.25 20.66
CA CYS F 125 12.35 5.19 20.48
C CYS F 125 12.85 6.51 19.91
N ARG F 126 13.92 7.05 20.48
CA ARG F 126 14.50 8.28 19.96
C ARG F 126 14.96 8.10 18.52
N CYS F 127 15.50 6.92 18.20
CA CYS F 127 15.97 6.66 16.85
C CYS F 127 14.82 6.71 15.85
N LEU F 128 13.66 6.15 16.22
CA LEU F 128 12.54 6.19 15.29
C LEU F 128 11.92 7.59 15.23
N GLU F 129 11.82 8.28 16.36
CA GLU F 129 11.12 9.56 16.41
C GLU F 129 12.02 10.73 16.04
N SER F 130 13.05 10.98 16.84
CA SER F 130 13.90 12.16 16.67
C SER F 130 15.20 11.85 15.94
N MET F 131 15.35 10.64 15.42
CA MET F 131 16.48 10.26 14.56
C MET F 131 17.82 10.33 15.28
N GLN F 132 17.81 10.36 16.62
CA GLN F 132 19.04 10.40 17.40
C GLN F 132 19.32 9.04 18.03
N MET F 133 20.54 8.90 18.55
CA MET F 133 20.99 7.71 19.27
C MET F 133 20.94 6.44 18.42
N CYS F 134 20.91 6.57 17.10
CA CYS F 134 20.68 5.43 16.20
C CYS F 134 21.88 4.51 16.07
N THR F 135 23.02 4.82 16.70
CA THR F 135 24.15 3.91 16.76
C THR F 135 24.09 3.23 18.13
N SER F 136 23.60 2.00 18.15
CA SER F 136 23.51 1.23 19.38
C SER F 136 23.57 -0.24 19.04
N THR F 137 24.40 -0.98 19.77
CA THR F 137 24.53 -2.41 19.55
C THR F 137 23.29 -3.12 20.08
N LYS F 138 23.11 -4.36 19.62
CA LYS F 138 22.03 -5.18 20.17
C LYS F 138 22.24 -5.45 21.65
N THR F 139 23.49 -5.42 22.11
CA THR F 139 23.79 -5.68 23.51
C THR F 139 23.35 -4.52 24.40
N ASP F 140 23.51 -3.28 23.93
CA ASP F 140 22.97 -2.13 24.64
C ASP F 140 21.46 -2.27 24.80
N HIS F 141 20.77 -2.60 23.70
CA HIS F 141 19.34 -2.85 23.75
C HIS F 141 18.99 -3.96 24.72
N ALA F 142 19.86 -4.98 24.84
CA ALA F 142 19.61 -6.06 25.79
C ALA F 142 19.72 -5.58 27.23
N ARG F 143 20.83 -4.89 27.55
CA ARG F 143 21.04 -4.40 28.90
C ARG F 143 19.92 -3.47 29.34
N GLU F 144 19.45 -2.61 28.42
CA GLU F 144 18.43 -1.65 28.83
C GLU F 144 17.03 -2.27 28.86
N MET F 145 16.66 -3.00 27.81
CA MET F 145 15.27 -3.35 27.56
C MET F 145 14.93 -4.82 27.76
N SER F 146 15.88 -5.67 28.17
CA SER F 146 15.54 -7.07 28.39
C SER F 146 14.46 -7.26 29.45
N ILE F 147 14.38 -6.33 30.40
CA ILE F 147 13.38 -6.44 31.47
C ILE F 147 11.95 -6.33 30.94
N TYR F 148 11.75 -5.68 29.79
CA TYR F 148 10.41 -5.50 29.26
C TYR F 148 9.87 -6.74 28.56
N TYR F 149 10.69 -7.41 27.77
CA TYR F 149 10.21 -8.49 26.91
C TYR F 149 10.24 -9.86 27.56
N ASP F 150 11.32 -10.18 28.29
CA ASP F 150 11.54 -11.54 28.78
C ASP F 150 10.32 -12.06 29.53
N GLY F 151 9.86 -13.25 29.14
CA GLY F 151 8.72 -13.86 29.79
C GLY F 151 7.38 -13.24 29.48
N HIS F 152 7.29 -12.43 28.42
CA HIS F 152 6.05 -11.76 28.04
C HIS F 152 5.76 -11.94 26.56
N PRO F 153 5.05 -13.00 26.19
CA PRO F 153 4.71 -13.18 24.77
C PRO F 153 3.86 -12.06 24.21
N ASP F 154 2.93 -11.52 25.01
CA ASP F 154 2.03 -10.47 24.53
C ASP F 154 2.80 -9.26 24.03
N ARG F 155 3.70 -8.73 24.86
CA ARG F 155 4.47 -7.55 24.47
C ARG F 155 5.33 -7.84 23.25
N PHE F 156 5.93 -9.03 23.22
CA PHE F 156 6.77 -9.45 22.10
C PHE F 156 5.99 -9.46 20.79
N GLU F 157 4.78 -10.03 20.81
CA GLU F 157 3.99 -10.06 19.58
C GLU F 157 3.50 -8.67 19.20
N HIS F 158 3.17 -7.83 20.17
CA HIS F 158 2.69 -6.49 19.85
C HIS F 158 3.77 -5.68 19.13
N ASP F 159 4.93 -5.54 19.77
CA ASP F 159 6.01 -4.80 19.14
C ASP F 159 6.49 -5.50 17.86
N MET F 160 6.44 -6.83 17.84
CA MET F 160 6.87 -7.56 16.67
C MET F 160 5.97 -7.25 15.46
N LYS F 161 4.66 -7.21 15.67
CA LYS F 161 3.75 -6.87 14.57
C LYS F 161 3.99 -5.45 14.07
N ILE F 162 4.29 -4.53 15.00
CA ILE F 162 4.64 -3.18 14.55
C ILE F 162 5.88 -3.23 13.65
N ILE F 163 6.90 -3.98 14.09
CA ILE F 163 8.12 -4.15 13.30
C ILE F 163 7.79 -4.70 11.91
N LEU F 164 6.91 -5.70 11.85
CA LEU F 164 6.57 -6.29 10.55
C LEU F 164 5.87 -5.30 9.64
N ASN F 165 5.09 -4.35 10.19
CA ASN F 165 4.52 -3.32 9.32
C ASN F 165 5.61 -2.38 8.78
N ILE F 166 6.50 -1.91 9.68
CA ILE F 166 7.53 -0.99 9.22
C ILE F 166 8.44 -1.65 8.18
N MET F 167 8.86 -2.90 8.41
CA MET F 167 9.64 -3.62 7.40
C MET F 167 8.80 -3.95 6.17
N ARG F 168 7.49 -4.12 6.36
CA ARG F 168 6.60 -4.29 5.21
C ARG F 168 6.80 -3.15 4.23
N TYR F 169 7.05 -1.94 4.75
CA TYR F 169 7.35 -0.86 3.80
C TYR F 169 8.74 -1.01 3.17
N ILE F 170 9.67 -1.69 3.82
CA ILE F 170 11.06 -1.67 3.36
C ILE F 170 11.24 -2.54 2.13
N VAL F 171 10.74 -3.78 2.17
CA VAL F 171 11.02 -4.72 1.09
C VAL F 171 9.72 -5.13 0.41
N PRO F 172 9.25 -4.36 -0.58
CA PRO F 172 7.99 -4.69 -1.25
C PRO F 172 8.10 -5.97 -2.07
N GLY F 173 7.00 -6.36 -2.70
CA GLY F 173 6.99 -7.55 -3.53
C GLY F 173 7.08 -8.83 -2.76
N LEU F 174 8.09 -9.64 -3.06
CA LEU F 174 8.24 -10.93 -2.39
C LEU F 174 8.50 -10.76 -0.90
N GLY F 175 9.34 -9.79 -0.52
CA GLY F 175 9.61 -9.59 0.90
C GLY F 175 8.35 -9.35 1.71
N ARG F 176 7.46 -8.50 1.20
CA ARG F 176 6.19 -8.25 1.86
C ARG F 176 5.36 -9.52 2.00
N VAL F 177 5.36 -10.37 0.96
CA VAL F 177 4.68 -11.66 1.05
C VAL F 177 5.28 -12.50 2.16
N LEU F 178 6.61 -12.52 2.26
CA LEU F 178 7.27 -13.28 3.31
C LEU F 178 6.90 -12.75 4.70
N LEU F 179 6.85 -11.42 4.86
CA LEU F 179 6.46 -10.85 6.14
C LEU F 179 5.05 -11.25 6.50
N ASP F 180 4.12 -11.17 5.54
CA ASP F 180 2.75 -11.60 5.79
C ASP F 180 2.71 -13.07 6.21
N GLN F 181 3.55 -13.90 5.59
CA GLN F 181 3.63 -15.30 5.99
C GLN F 181 4.14 -15.43 7.43
N ILE F 182 5.14 -14.63 7.80
CA ILE F 182 5.67 -14.66 9.16
C ILE F 182 4.59 -14.31 10.17
N LYS F 183 3.87 -13.20 9.92
CA LYS F 183 2.79 -12.79 10.82
C LYS F 183 1.71 -13.86 10.90
N GLN F 184 1.32 -14.44 9.76
CA GLN F 184 0.26 -15.43 9.76
C GLN F 184 0.67 -16.69 10.53
N THR F 185 1.94 -17.07 10.46
CA THR F 185 2.39 -18.28 11.13
C THR F 185 3.02 -18.02 12.49
N LYS F 186 3.16 -16.76 12.90
CA LYS F 186 3.86 -16.40 14.15
C LYS F 186 5.27 -16.98 14.21
N ASP F 187 5.81 -17.42 13.07
CA ASP F 187 7.16 -17.95 13.01
C ASP F 187 8.11 -16.75 12.95
N TYR F 188 8.27 -16.12 14.10
CA TYR F 188 8.98 -14.85 14.17
C TYR F 188 10.49 -15.02 13.98
N GLN F 189 11.03 -16.22 14.22
CA GLN F 189 12.45 -16.42 13.98
C GLN F 189 12.78 -16.45 12.49
N ALA F 190 11.83 -16.87 11.65
CA ALA F 190 12.05 -16.79 10.21
C ALA F 190 12.38 -15.37 9.77
N LEU F 191 11.97 -14.35 10.54
CA LEU F 191 12.30 -12.97 10.20
C LEU F 191 13.79 -12.74 10.09
N ARG F 192 14.61 -13.55 10.77
CA ARG F 192 16.07 -13.47 10.61
C ARG F 192 16.43 -13.42 9.13
N HIS F 193 15.82 -14.31 8.36
CA HIS F 193 16.18 -14.46 6.96
C HIS F 193 16.02 -13.15 6.21
N ILE F 194 15.00 -12.36 6.57
CA ILE F 194 14.91 -11.03 6.00
C ILE F 194 15.92 -10.09 6.63
N GLN F 195 15.92 -9.99 7.97
CA GLN F 195 16.74 -8.96 8.63
C GLN F 195 18.22 -9.21 8.38
N GLY F 196 18.63 -10.47 8.44
CA GLY F 196 20.02 -10.81 8.16
C GLY F 196 20.46 -10.41 6.77
N LYS F 197 19.56 -10.48 5.81
CA LYS F 197 19.90 -10.07 4.45
C LYS F 197 19.83 -8.56 4.26
N LEU F 198 19.34 -7.81 5.25
CA LEU F 198 19.24 -6.36 5.15
C LEU F 198 20.30 -5.61 5.96
N SER F 199 20.96 -6.27 6.92
CA SER F 199 21.90 -5.57 7.77
C SER F 199 23.12 -5.04 7.00
N PRO F 200 23.88 -5.86 6.26
CA PRO F 200 25.05 -5.31 5.56
C PRO F 200 24.68 -4.32 4.48
N LYS F 201 23.45 -4.36 3.97
CA LYS F 201 23.05 -3.45 2.90
C LYS F 201 22.93 -2.00 3.37
N SER F 202 22.72 -1.77 4.66
CA SER F 202 22.34 -0.47 5.20
C SER F 202 23.40 0.13 6.15
N GLN F 203 24.68 -0.13 5.91
CA GLN F 203 25.69 0.42 6.82
C GLN F 203 25.77 1.94 6.70
N SER F 204 25.48 2.49 5.51
CA SER F 204 25.52 3.93 5.33
C SER F 204 24.36 4.64 6.01
N ASN F 205 23.20 3.99 6.08
CA ASN F 205 22.02 4.57 6.71
C ASN F 205 22.05 4.24 8.19
N LEU F 206 22.17 5.26 9.03
CA LEU F 206 22.27 5.03 10.47
C LEU F 206 20.93 4.62 11.07
N GLN F 207 19.86 5.33 10.72
CA GLN F 207 18.55 5.05 11.29
C GLN F 207 18.11 3.62 10.96
N LEU F 208 18.23 3.23 9.70
CA LEU F 208 17.85 1.89 9.29
C LEU F 208 18.72 0.84 9.99
N LYS F 209 20.04 1.10 10.06
CA LYS F 209 20.94 0.16 10.73
C LYS F 209 20.51 -0.07 12.17
N GLY F 210 20.22 1.01 12.89
CA GLY F 210 19.81 0.88 14.28
C GLY F 210 18.49 0.14 14.41
N PHE F 211 17.56 0.40 13.47
CA PHE F 211 16.30 -0.33 13.48
C PHE F 211 16.54 -1.83 13.36
N LEU F 212 17.36 -2.24 12.38
CA LEU F 212 17.59 -3.66 12.14
C LEU F 212 18.33 -4.30 13.30
N GLU F 213 19.30 -3.59 13.88
CA GLU F 213 19.99 -4.09 15.07
C GLU F 213 18.99 -4.35 16.18
N PHE F 214 18.09 -3.39 16.40
CA PHE F 214 17.03 -3.59 17.39
C PHE F 214 16.19 -4.82 17.06
N VAL F 215 15.92 -5.04 15.77
CA VAL F 215 15.15 -6.22 15.38
C VAL F 215 15.87 -7.48 15.83
N ASP F 216 17.18 -7.56 15.59
CA ASP F 216 17.88 -8.75 16.05
C ASP F 216 17.78 -8.90 17.57
N PHE F 217 17.97 -7.79 18.30
CA PHE F 217 17.87 -7.85 19.76
C PHE F 217 16.52 -8.41 20.20
N ILE F 218 15.44 -7.84 19.67
CA ILE F 218 14.11 -8.24 20.13
C ILE F 218 13.82 -9.68 19.75
N LEU F 219 14.35 -10.13 18.60
CA LEU F 219 14.23 -11.53 18.23
C LEU F 219 14.91 -12.43 19.25
N GLY F 220 15.95 -11.94 19.92
CA GLY F 220 16.60 -12.79 20.90
C GLY F 220 16.00 -12.84 22.29
N ALA F 221 14.81 -12.31 22.53
CA ALA F 221 14.23 -12.28 23.87
C ALA F 221 13.79 -13.67 24.34
N ASN F 222 13.97 -13.95 25.63
CA ASN F 222 13.58 -15.23 26.22
C ASN F 222 12.07 -15.24 26.39
N VAL F 223 11.39 -15.85 25.43
CA VAL F 223 9.92 -15.87 25.39
C VAL F 223 9.50 -17.02 24.48
N THR F 224 8.40 -17.67 24.84
CA THR F 224 7.91 -18.83 24.11
C THR F 224 6.70 -18.45 23.27
N ILE F 225 6.76 -18.79 21.98
CA ILE F 225 5.69 -18.50 21.03
C ILE F 225 5.39 -19.77 20.24
N GLU F 226 4.11 -19.95 19.89
CA GLU F 226 3.67 -21.12 19.14
C GLU F 226 3.37 -20.74 17.70
N LYS F 227 3.86 -21.56 16.76
CA LYS F 227 3.82 -21.25 15.33
C LYS F 227 2.67 -21.99 14.66
N THR F 228 1.70 -21.24 14.15
CA THR F 228 0.55 -21.81 13.46
C THR F 228 0.98 -22.41 12.11
N PRO F 229 0.14 -23.26 11.51
CA PRO F 229 0.52 -23.96 10.26
C PRO F 229 0.78 -23.01 9.10
N GLN F 230 1.39 -23.56 8.05
CA GLN F 230 1.83 -22.80 6.88
C GLN F 230 0.77 -22.77 5.79
N THR F 231 0.71 -21.63 5.08
CA THR F 231 -0.27 -21.36 4.05
C THR F 231 0.19 -21.66 2.62
N LEU F 232 1.49 -21.76 2.38
CA LEU F 232 2.02 -21.87 1.01
C LEU F 232 1.50 -23.12 0.30
N THR F 233 0.89 -22.92 -0.87
CA THR F 233 0.26 -24.01 -1.61
C THR F 233 0.39 -23.77 -3.11
N THR F 234 0.56 -24.86 -3.85
CA THR F 234 0.58 -24.83 -5.32
C THR F 234 -0.28 -25.96 -5.89
C1 NAG G . -23.15 12.87 2.70
C2 NAG G . -24.35 12.15 3.32
C3 NAG G . -25.00 11.21 2.30
C4 NAG G . -25.28 11.93 0.98
C5 NAG G . -24.01 12.61 0.49
C6 NAG G . -24.19 13.40 -0.79
C7 NAG G . -24.63 11.46 5.66
C8 NAG G . -25.85 12.33 5.69
N2 NAG G . -23.96 11.42 4.51
O3 NAG G . -26.20 10.67 2.83
O4 NAG G . -25.71 10.97 0.01
O5 NAG G . -23.53 13.52 1.49
O6 NAG G . -23.20 13.05 -1.75
O7 NAG G . -24.27 10.83 6.65
C1 NAG G . -27.05 11.22 -0.45
C2 NAG G . -27.40 10.18 -1.52
C3 NAG G . -28.81 10.38 -2.03
C4 NAG G . -29.80 10.43 -0.86
C5 NAG G . -29.34 11.43 0.20
C6 NAG G . -30.19 11.40 1.45
C7 NAG G . -25.54 9.25 -2.83
C8 NAG G . -24.63 9.45 -4.01
N2 NAG G . -26.44 10.21 -2.61
O3 NAG G . -29.14 9.32 -2.92
O4 NAG G . -31.09 10.82 -1.32
O5 NAG G . -27.99 11.15 0.61
O6 NAG G . -29.84 10.32 2.29
O7 NAG G . -25.46 8.27 -2.11
C1 BMA G . -31.96 9.69 -1.56
C2 BMA G . -33.34 9.94 -0.89
C3 BMA G . -34.27 8.74 -1.28
C4 BMA G . -34.38 8.64 -2.82
C5 BMA G . -32.97 8.33 -3.31
C6 BMA G . -32.87 8.10 -4.80
O2 BMA G . -33.91 11.14 -1.39
O3 BMA G . -35.57 8.59 -0.58
O4 BMA G . -35.26 7.60 -3.20
O5 BMA G . -32.10 9.45 -2.96
O6 BMA G . -31.54 7.71 -5.04
C1 MAN G . -31.46 6.91 -6.24
C2 MAN G . -30.31 5.90 -6.01
C3 MAN G . -29.00 6.66 -5.87
C4 MAN G . -28.80 7.67 -7.01
C5 MAN G . -30.04 8.56 -7.16
C6 MAN G . -29.97 9.48 -8.33
O2 MAN G . -30.11 5.06 -7.15
O3 MAN G . -27.91 5.80 -5.82
O4 MAN G . -27.68 8.48 -6.73
O5 MAN G . -31.20 7.73 -7.32
O6 MAN G . -29.77 8.70 -9.51
C1 MAN G . -27.58 5.63 -4.43
C2 MAN G . -26.07 5.92 -4.29
C3 MAN G . -25.30 4.85 -5.04
C4 MAN G . -25.76 3.43 -4.68
C5 MAN G . -27.29 3.31 -4.83
C6 MAN G . -27.85 1.95 -4.38
O2 MAN G . -25.63 5.84 -2.93
O3 MAN G . -23.90 4.99 -4.83
O4 MAN G . -25.14 2.50 -5.56
O5 MAN G . -27.92 4.32 -4.05
O6 MAN G . -27.74 1.86 -2.95
C1 MAN G . -30.10 9.57 -10.62
C2 MAN G . -30.63 8.68 -11.79
C3 MAN G . -29.63 8.42 -12.95
C4 MAN G . -28.18 9.03 -12.80
C5 MAN G . -27.87 9.52 -11.40
C6 MAN G . -26.64 10.42 -11.38
O2 MAN G . -31.79 9.27 -12.40
O3 MAN G . -30.20 8.81 -14.20
O4 MAN G . -27.19 8.07 -13.18
O5 MAN G . -28.94 10.32 -10.95
O6 MAN G . -26.40 10.79 -10.03
C1 MAN G . -36.46 9.71 -0.54
C2 MAN G . -36.89 9.86 0.92
C3 MAN G . -37.67 8.63 1.33
C4 MAN G . -38.88 8.42 0.39
C5 MAN G . -38.38 8.33 -1.07
C6 MAN G . -39.51 8.27 -2.09
O2 MAN G . -37.81 10.96 1.08
O3 MAN G . -38.11 8.69 2.68
O4 MAN G . -39.57 7.21 0.73
O5 MAN G . -37.59 9.51 -1.38
O6 MAN G . -40.32 7.14 -1.78
C1 NAG H . -27.24 -8.84 -24.84
C2 NAG H . -28.00 -8.19 -26.02
C3 NAG H . -29.03 -9.16 -26.58
C4 NAG H . -28.29 -10.41 -27.04
C5 NAG H . -27.64 -11.09 -25.83
C6 NAG H . -26.85 -12.34 -26.17
C7 NAG H . -28.17 -5.75 -26.00
C8 NAG H . -28.93 -4.55 -25.50
N2 NAG H . -28.64 -6.94 -25.62
O3 NAG H . -29.69 -8.56 -27.69
O4 NAG H . -29.03 -11.19 -27.99
O5 NAG H . -26.71 -10.16 -25.25
O6 NAG H . -25.47 -12.10 -26.38
O7 NAG H . -27.17 -5.63 -26.70
C1 NAG H . -29.86 -12.33 -27.75
C2 NAG H . -30.54 -12.45 -29.14
C3 NAG H . -31.26 -13.80 -29.36
C4 NAG H . -30.40 -14.96 -28.90
C5 NAG H . -30.03 -14.71 -27.45
C6 NAG H . -29.20 -15.83 -26.86
C7 NAG H . -32.52 -10.89 -28.82
C8 NAG H . -32.97 -11.66 -27.61
N2 NAG H . -31.40 -11.31 -29.47
O3 NAG H . -31.55 -13.94 -30.75
O4 NAG H . -31.11 -16.19 -29.02
O5 NAG H . -29.22 -13.53 -27.40
O6 NAG H . -29.48 -15.97 -25.46
O7 NAG H . -33.13 -9.90 -29.22
C1 FUC H . -25.25 -11.48 -27.68
C2 FUC H . -23.74 -11.27 -27.92
C3 FUC H . -22.98 -12.58 -28.23
C4 FUC H . -23.89 -13.81 -28.49
C5 FUC H . -25.19 -13.45 -29.26
C6 FUC H . -24.99 -13.25 -30.76
O2 FUC H . -23.13 -10.60 -26.81
O3 FUC H . -22.19 -12.38 -29.40
O4 FUC H . -23.17 -14.78 -29.25
O5 FUC H . -25.86 -12.25 -28.76
C1 NAG I . 24.21 -10.43 -3.13
C2 NAG I . 24.33 -11.93 -3.42
C3 NAG I . 24.19 -12.74 -2.14
C4 NAG I . 25.15 -12.22 -1.07
C5 NAG I . 24.97 -10.71 -0.89
C6 NAG I . 25.93 -10.09 0.09
C7 NAG I . 23.49 -13.35 -5.24
C8 NAG I . 22.34 -13.64 -6.15
N2 NAG I . 23.32 -12.33 -4.38
O3 NAG I . 24.44 -14.11 -2.40
O4 NAG I . 24.86 -12.88 0.15
O5 NAG I . 25.17 -10.06 -2.15
O6 NAG I . 25.47 -8.83 0.55
O7 NAG I . 24.52 -14.01 -5.26
C1 NAG I . 26.03 -13.60 0.58
C2 NAG I . 25.84 -13.95 2.06
C3 NAG I . 27.05 -14.74 2.56
C4 NAG I . 27.32 -15.95 1.68
C5 NAG I . 27.38 -15.53 0.21
C6 NAG I . 27.49 -16.71 -0.74
C7 NAG I . 24.42 -12.34 3.26
C8 NAG I . 24.39 -11.08 4.08
N2 NAG I . 25.63 -12.75 2.85
O3 NAG I . 26.80 -15.16 3.90
O4 NAG I . 28.55 -16.54 2.04
O5 NAG I . 26.20 -14.81 -0.17
O6 NAG I . 26.27 -17.44 -0.80
O7 NAG I . 23.41 -12.96 2.98
C1 BMA I . 28.31 -17.78 2.74
C2 BMA I . 29.24 -18.89 2.15
C3 BMA I . 29.00 -20.17 3.00
C4 BMA I . 29.31 -19.90 4.47
C5 BMA I . 28.31 -18.83 4.93
C6 BMA I . 28.39 -18.46 6.40
O2 BMA I . 30.59 -18.48 2.29
O3 BMA I . 29.58 -21.43 2.50
O4 BMA I . 29.14 -21.08 5.24
O5 BMA I . 28.53 -17.63 4.15
O6 BMA I . 27.33 -17.55 6.65
C1 MAN I . 26.85 -17.72 8.00
C2 MAN I . 25.32 -17.83 7.92
C3 MAN I . 24.71 -16.51 7.41
C4 MAN I . 25.27 -15.30 8.20
C5 MAN I . 26.81 -15.35 8.25
C6 MAN I . 27.39 -14.24 9.13
O2 MAN I . 24.74 -18.05 9.22
O3 MAN I . 23.30 -16.53 7.52
O4 MAN I . 24.86 -14.10 7.56
O5 MAN I . 27.23 -16.62 8.78
O6 MAN I . 26.77 -14.35 10.42
C1 MAN I . 22.72 -16.44 6.20
C2 MAN I . 22.16 -15.00 6.02
C3 MAN I . 20.97 -14.79 6.95
C4 MAN I . 19.94 -15.94 6.84
C5 MAN I . 20.63 -17.30 7.01
C6 MAN I . 19.70 -18.48 6.77
O2 MAN I . 21.67 -14.77 4.70
O3 MAN I . 20.34 -13.54 6.70
O4 MAN I . 18.94 -15.79 7.84
O5 MAN I . 21.70 -17.40 6.04
O6 MAN I . 19.37 -18.53 5.37
C1 MAN I . 27.76 -14.47 11.46
C2 MAN I . 27.07 -15.28 12.61
C3 MAN I . 26.57 -14.43 13.82
C4 MAN I . 26.77 -12.87 13.76
C5 MAN I . 27.15 -12.36 12.37
C6 MAN I . 27.69 -10.95 12.41
O2 MAN I . 27.97 -16.25 13.16
O3 MAN I . 27.11 -14.93 15.06
O4 MAN I . 25.57 -12.21 14.18
O5 MAN I . 28.19 -13.20 11.86
O6 MAN I . 28.00 -10.53 11.08
C1 MAN I . 31.00 -21.43 2.29
C2 MAN I . 31.23 -22.22 0.99
C3 MAN I . 30.81 -23.68 1.21
C4 MAN I . 31.57 -24.28 2.41
C5 MAN I . 31.33 -23.41 3.66
C6 MAN I . 32.14 -23.86 4.86
O2 MAN I . 32.62 -22.27 0.64
O3 MAN I . 31.00 -24.47 0.04
O4 MAN I . 31.13 -25.61 2.66
O5 MAN I . 31.70 -22.03 3.37
O6 MAN I . 31.81 -25.22 5.13
C1 NAG J . 14.52 -18.36 30.03
C2 NAG J . 15.74 -18.46 30.98
C3 NAG J . 15.52 -19.53 32.04
C4 NAG J . 14.24 -19.22 32.80
C5 NAG J . 13.05 -19.27 31.82
C6 NAG J . 11.71 -18.94 32.44
C7 NAG J . 17.69 -17.74 29.70
C8 NAG J . 18.93 -18.18 28.98
N2 NAG J . 16.97 -18.71 30.25
O3 NAG J . 16.63 -19.57 32.91
O4 NAG J . 14.10 -19.90 34.04
O5 NAG J . 13.28 -18.27 30.81
O6 NAG J . 11.79 -18.38 33.74
O7 NAG J . 17.37 -16.56 29.77
C1 NAG J . 13.97 -21.31 34.23
C2 NAG J . 14.74 -21.65 35.54
C3 NAG J . 14.34 -23.00 36.16
C4 NAG J . 12.83 -23.20 36.16
C5 NAG J . 12.34 -23.03 34.74
C6 NAG J . 10.86 -23.24 34.58
C7 NAG J . 16.97 -20.60 35.66
C8 NAG J . 18.43 -20.75 35.34
N2 NAG J . 16.17 -21.61 35.32
O3 NAG J . 14.82 -23.06 37.50
O4 NAG J . 12.50 -24.49 36.64
O5 NAG J . 12.62 -21.68 34.34
O6 NAG J . 10.40 -22.81 33.31
O7 NAG J . 16.53 -19.58 36.19
C1 FUC J . 11.93 -16.93 33.74
C2 FUC J . 10.65 -16.27 34.32
C3 FUC J . 10.44 -16.53 35.85
C4 FUC J . 11.66 -17.18 36.54
C5 FUC J . 13.02 -16.66 35.97
C6 FUC J . 13.43 -15.30 36.51
O2 FUC J . 9.49 -16.61 33.56
O3 FUC J . 10.16 -15.31 36.52
O4 FUC J . 11.60 -16.93 37.93
O5 FUC J . 13.09 -16.60 34.50
#